data_1FCJ
#
_entry.id   1FCJ
#
_cell.length_a   96.380
_cell.length_b   100.490
_cell.length_c   142.810
_cell.angle_alpha   90.00
_cell.angle_beta   90.00
_cell.angle_gamma   90.00
#
_symmetry.space_group_name_H-M   'P 21 21 21'
#
loop_
_entity.id
_entity.type
_entity.pdbx_description
1 polymer 'O-ACETYLSERINE SULFHYDRYLASE'
2 non-polymer 'SULFATE ION'
3 non-polymer 'CHLORIDE ION'
4 non-polymer "PYRIDOXAL-5'-PHOSPHATE"
5 water water
#
_entity_poly.entity_id   1
_entity_poly.type   'polypeptide(L)'
_entity_poly.pdbx_seq_one_letter_code
;SKIYEDNSLTIGHTPLVRLNRIGNGRILAKVESRNPSFSVKCRIGANMIWDAEKRGVLKPGVELVEPTNGNTGIALAYVA
AARGYKLTLTMPETMSIERRKLLKALGANLVLTEGAKGMKGAIQKAEEIVASDPQKYLLLQQFSNPANPEIHEKTTGPEI
WEDTDGQVDVFISGVGTGGTLTGVTRYIKGTKGKTDLITVAVEPTDSPVIAQALAGEEIKPGPHKIQGIGAGFIPGNLDL
KLIDKVVGITNEEAISTARRLMEEEGILAGISSGAAVAAALKLQEDESFTNKNIVVILPSSGERYLSTALFADLFTEKEL
QQ
;
_entity_poly.pdbx_strand_id   A,B,C,D
#
loop_
_chem_comp.id
_chem_comp.type
_chem_comp.name
_chem_comp.formula
CL non-polymer 'CHLORIDE ION' 'Cl -1'
PLP non-polymer PYRIDOXAL-5'-PHOSPHATE 'C8 H10 N O6 P'
SO4 non-polymer 'SULFATE ION' 'O4 S -2'
#
# COMPACT_ATOMS: atom_id res chain seq x y z
N SER A 1 8.12 -7.97 -16.97
CA SER A 1 7.74 -9.26 -16.35
C SER A 1 8.91 -9.73 -15.49
N LYS A 2 8.70 -10.81 -14.74
CA LYS A 2 9.74 -11.37 -13.89
C LYS A 2 9.53 -12.87 -13.81
N ILE A 3 9.82 -13.53 -14.93
CA ILE A 3 9.66 -14.97 -15.07
C ILE A 3 11.10 -15.50 -15.13
N TYR A 4 11.44 -16.38 -14.20
CA TYR A 4 12.79 -16.94 -14.18
C TYR A 4 12.86 -18.09 -15.17
N GLU A 5 13.89 -18.12 -16.01
CA GLU A 5 13.99 -19.17 -17.03
C GLU A 5 14.28 -20.55 -16.45
N ASP A 6 14.89 -20.59 -15.26
CA ASP A 6 15.08 -21.85 -14.58
C ASP A 6 15.33 -21.53 -13.11
N ASN A 7 15.20 -22.53 -12.23
CA ASN A 7 15.35 -22.31 -10.80
C ASN A 7 16.70 -21.74 -10.36
N SER A 8 17.75 -21.92 -11.17
CA SER A 8 19.06 -21.44 -10.76
C SER A 8 19.09 -19.91 -10.76
N LEU A 9 18.30 -19.30 -11.63
CA LEU A 9 18.28 -17.84 -11.74
C LEU A 9 17.56 -17.14 -10.57
N THR A 10 16.94 -17.93 -9.69
CA THR A 10 16.20 -17.36 -8.57
C THR A 10 17.04 -17.13 -7.30
N ILE A 11 18.34 -17.36 -7.36
CA ILE A 11 19.18 -17.19 -6.18
C ILE A 11 19.23 -15.78 -5.63
N GLY A 12 19.56 -15.66 -4.35
CA GLY A 12 19.75 -14.35 -3.77
C GLY A 12 18.55 -13.49 -3.37
N HIS A 13 18.83 -12.21 -3.18
CA HIS A 13 17.85 -11.23 -2.74
C HIS A 13 17.21 -11.77 -1.47
N THR A 14 18.04 -12.27 -0.58
CA THR A 14 17.53 -12.83 0.68
C THR A 14 17.26 -11.68 1.63
N PRO A 15 16.28 -11.85 2.56
CA PRO A 15 15.92 -10.81 3.52
C PRO A 15 16.91 -10.53 4.65
N LEU A 16 16.97 -9.27 5.06
CA LEU A 16 17.83 -8.86 6.17
C LEU A 16 16.78 -8.58 7.24
N VAL A 17 16.86 -9.32 8.36
CA VAL A 17 15.88 -9.20 9.44
C VAL A 17 16.50 -8.72 10.75
N ARG A 18 15.92 -7.69 11.34
CA ARG A 18 16.46 -7.21 12.60
C ARG A 18 16.14 -8.20 13.71
N LEU A 19 17.15 -8.53 14.53
CA LEU A 19 16.92 -9.42 15.66
C LEU A 19 16.48 -8.49 16.78
N ASN A 20 15.33 -8.80 17.39
CA ASN A 20 14.78 -7.93 18.43
C ASN A 20 15.05 -8.31 19.88
N ARG A 21 15.23 -9.58 20.16
CA ARG A 21 15.52 -10.00 21.53
C ARG A 21 16.99 -10.38 21.65
N ILE A 22 17.51 -11.02 20.61
CA ILE A 22 18.91 -11.45 20.65
C ILE A 22 19.78 -10.26 20.34
N GLY A 23 20.57 -9.83 21.30
CA GLY A 23 21.41 -8.67 21.04
C GLY A 23 20.70 -7.36 21.32
N ASN A 24 21.37 -6.27 20.96
CA ASN A 24 20.88 -4.93 21.24
C ASN A 24 19.99 -4.28 20.19
N GLY A 25 19.48 -5.03 19.24
CA GLY A 25 18.60 -4.43 18.24
C GLY A 25 19.37 -4.02 16.98
N ARG A 26 20.69 -4.11 17.03
CA ARG A 26 21.51 -3.74 15.87
C ARG A 26 22.06 -4.95 15.10
N ILE A 27 21.65 -6.16 15.48
CA ILE A 27 22.10 -7.33 14.76
C ILE A 27 21.08 -7.58 13.64
N LEU A 28 21.54 -7.54 12.39
CA LEU A 28 20.68 -7.74 11.24
C LEU A 28 21.10 -9.06 10.61
N ALA A 29 20.19 -10.04 10.61
CA ALA A 29 20.48 -11.38 10.09
C ALA A 29 20.02 -11.56 8.67
N LYS A 30 20.93 -11.99 7.79
CA LYS A 30 20.61 -12.24 6.39
C LYS A 30 20.28 -13.73 6.29
N VAL A 31 19.03 -14.00 5.91
CA VAL A 31 18.52 -15.37 5.87
C VAL A 31 18.78 -16.11 4.55
N GLU A 32 19.92 -16.77 4.49
CA GLU A 32 20.32 -17.48 3.27
C GLU A 32 19.56 -18.77 3.01
N SER A 33 18.71 -19.19 3.95
CA SER A 33 17.89 -20.38 3.71
C SER A 33 16.74 -20.02 2.72
N ARG A 34 16.54 -18.73 2.44
CA ARG A 34 15.51 -18.32 1.48
C ARG A 34 16.12 -18.35 0.08
N ASN A 35 16.59 -19.52 -0.30
CA ASN A 35 17.25 -19.75 -1.58
C ASN A 35 16.83 -21.14 -1.98
N PRO A 36 16.98 -21.48 -3.26
CA PRO A 36 16.62 -22.84 -3.61
C PRO A 36 17.66 -23.74 -2.90
N SER A 37 17.22 -24.92 -2.47
CA SER A 37 18.04 -25.89 -1.72
C SER A 37 18.23 -25.45 -0.25
N PHE A 38 17.64 -24.30 0.10
CA PHE A 38 17.67 -23.78 1.46
C PHE A 38 19.01 -23.41 2.10
N SER A 39 19.96 -23.00 1.27
CA SER A 39 21.23 -22.54 1.82
C SER A 39 21.95 -21.60 0.87
N VAL A 40 22.93 -20.90 1.43
CA VAL A 40 23.73 -19.93 0.73
C VAL A 40 24.44 -20.57 -0.47
N LYS A 41 24.64 -21.89 -0.42
CA LYS A 41 25.38 -22.59 -1.47
C LYS A 41 24.74 -22.54 -2.84
N CYS A 42 23.44 -22.27 -2.91
CA CYS A 42 22.85 -22.24 -4.22
C CYS A 42 23.46 -21.09 -5.01
N ARG A 43 23.93 -20.06 -4.32
CA ARG A 43 24.57 -18.95 -5.04
C ARG A 43 25.82 -19.41 -5.77
N ILE A 44 26.65 -20.22 -5.12
CA ILE A 44 27.87 -20.67 -5.77
C ILE A 44 27.61 -21.86 -6.68
N GLY A 45 26.65 -22.70 -6.34
CA GLY A 45 26.34 -23.83 -7.22
C GLY A 45 25.94 -23.24 -8.57
N ALA A 46 25.13 -22.20 -8.51
CA ALA A 46 24.69 -21.58 -9.75
C ALA A 46 25.83 -20.81 -10.44
N ASN A 47 26.58 -19.99 -9.71
CA ASN A 47 27.62 -19.22 -10.42
C ASN A 47 28.80 -20.01 -10.95
N MET A 48 29.19 -21.09 -10.28
CA MET A 48 30.30 -21.88 -10.78
C MET A 48 29.87 -22.49 -12.13
N ILE A 49 28.60 -22.90 -12.19
CA ILE A 49 28.07 -23.48 -13.40
C ILE A 49 27.93 -22.40 -14.48
N TRP A 50 27.35 -21.26 -14.12
CA TRP A 50 27.22 -20.18 -15.08
C TRP A 50 28.57 -19.73 -15.57
N ASP A 51 29.54 -19.64 -14.66
CA ASP A 51 30.88 -19.22 -15.03
C ASP A 51 31.52 -20.22 -15.99
N ALA A 52 31.42 -21.51 -15.70
CA ALA A 52 32.00 -22.53 -16.56
C ALA A 52 31.36 -22.45 -17.95
N GLU A 53 30.07 -22.13 -17.99
CA GLU A 53 29.38 -22.02 -19.28
C GLU A 53 29.95 -20.83 -20.05
N LYS A 54 30.13 -19.72 -19.36
CA LYS A 54 30.67 -18.52 -19.98
C LYS A 54 32.10 -18.74 -20.49
N ARG A 55 32.90 -19.47 -19.72
CA ARG A 55 34.28 -19.77 -20.09
C ARG A 55 34.33 -20.76 -21.25
N GLY A 56 33.20 -21.39 -21.53
CA GLY A 56 33.13 -22.35 -22.62
C GLY A 56 33.54 -23.77 -22.29
N VAL A 57 33.86 -24.05 -21.03
CA VAL A 57 34.27 -25.40 -20.66
C VAL A 57 33.06 -26.26 -20.33
N LEU A 58 31.96 -25.64 -19.93
CA LEU A 58 30.76 -26.40 -19.60
C LEU A 58 29.84 -26.31 -20.81
N LYS A 59 29.48 -27.47 -21.34
CA LYS A 59 28.64 -27.54 -22.52
C LYS A 59 27.78 -28.79 -22.46
N PRO A 60 26.60 -28.76 -23.12
CA PRO A 60 25.68 -29.90 -23.13
C PRO A 60 26.45 -31.19 -23.39
N GLY A 61 26.19 -32.22 -22.58
CA GLY A 61 26.91 -33.47 -22.74
C GLY A 61 28.09 -33.51 -21.77
N VAL A 62 28.45 -32.36 -21.23
CA VAL A 62 29.55 -32.29 -20.27
C VAL A 62 28.96 -32.64 -18.92
N GLU A 63 29.64 -33.52 -18.19
CA GLU A 63 29.17 -33.93 -16.88
C GLU A 63 29.96 -33.21 -15.82
N LEU A 64 29.29 -32.77 -14.76
CA LEU A 64 29.96 -32.06 -13.68
C LEU A 64 30.58 -33.04 -12.67
N VAL A 65 31.74 -32.66 -12.13
CA VAL A 65 32.40 -33.46 -11.11
C VAL A 65 32.80 -32.54 -9.96
N GLU A 66 32.25 -32.81 -8.78
CA GLU A 66 32.56 -31.98 -7.64
C GLU A 66 32.73 -32.72 -6.33
N PRO A 67 33.77 -32.36 -5.57
CA PRO A 67 34.08 -32.96 -4.27
C PRO A 67 33.18 -32.27 -3.26
N THR A 68 32.62 -33.01 -2.32
CA THR A 68 31.72 -32.38 -1.37
C THR A 68 31.45 -33.23 -0.13
N ASN A 69 31.09 -32.60 0.97
CA ASN A 69 30.72 -33.41 2.11
C ASN A 69 29.51 -32.74 2.72
N GLY A 70 29.03 -31.68 2.06
CA GLY A 70 27.89 -30.95 2.60
C GLY A 70 26.92 -30.27 1.64
N ASN A 71 26.58 -29.04 1.99
CA ASN A 71 25.62 -28.27 1.22
C ASN A 71 25.95 -27.95 -0.22
N THR A 72 27.22 -27.90 -0.58
CA THR A 72 27.48 -27.50 -1.96
C THR A 72 26.96 -28.54 -2.94
N GLY A 73 27.23 -29.82 -2.65
CA GLY A 73 26.77 -30.88 -3.55
C GLY A 73 25.27 -30.86 -3.74
N ILE A 74 24.56 -30.62 -2.65
CA ILE A 74 23.11 -30.56 -2.65
C ILE A 74 22.65 -29.43 -3.57
N ALA A 75 23.24 -28.25 -3.40
CA ALA A 75 22.88 -27.12 -4.24
C ALA A 75 23.25 -27.41 -5.70
N LEU A 76 24.43 -27.99 -5.92
CA LEU A 76 24.85 -28.30 -7.28
C LEU A 76 23.85 -29.23 -7.93
N ALA A 77 23.31 -30.18 -7.17
CA ALA A 77 22.32 -31.13 -7.69
C ALA A 77 21.05 -30.42 -8.17
N TYR A 78 20.58 -29.44 -7.40
CA TYR A 78 19.40 -28.68 -7.82
C TYR A 78 19.74 -27.96 -9.13
N VAL A 79 20.82 -27.19 -9.09
CA VAL A 79 21.23 -26.41 -10.25
C VAL A 79 21.51 -27.28 -11.48
N ALA A 80 22.16 -28.42 -11.28
CA ALA A 80 22.47 -29.31 -12.40
C ALA A 80 21.16 -29.79 -13.06
N ALA A 81 20.21 -30.25 -12.24
CA ALA A 81 18.93 -30.72 -12.76
C ALA A 81 18.17 -29.60 -13.50
N ALA A 82 18.28 -28.38 -12.99
CA ALA A 82 17.59 -27.24 -13.61
C ALA A 82 18.15 -26.87 -14.98
N ARG A 83 19.47 -26.95 -15.12
CA ARG A 83 20.07 -26.58 -16.39
C ARG A 83 20.39 -27.78 -17.27
N GLY A 84 19.96 -28.96 -16.84
CA GLY A 84 20.17 -30.16 -17.62
C GLY A 84 21.54 -30.81 -17.65
N TYR A 85 22.27 -30.78 -16.54
CA TYR A 85 23.59 -31.41 -16.51
C TYR A 85 23.59 -32.62 -15.61
N LYS A 86 24.39 -33.62 -15.97
CA LYS A 86 24.52 -34.83 -15.15
C LYS A 86 25.59 -34.42 -14.15
N LEU A 87 25.58 -35.04 -12.99
CA LEU A 87 26.52 -34.66 -11.96
C LEU A 87 27.08 -35.82 -11.17
N THR A 88 28.39 -35.77 -10.97
CA THR A 88 29.07 -36.77 -10.15
C THR A 88 29.66 -36.02 -8.97
N LEU A 89 29.42 -36.57 -7.78
CA LEU A 89 29.94 -36.01 -6.52
C LEU A 89 30.91 -36.98 -5.82
N THR A 90 32.10 -36.52 -5.51
CA THR A 90 33.02 -37.35 -4.77
C THR A 90 32.91 -36.88 -3.34
N MET A 91 32.89 -37.82 -2.41
CA MET A 91 32.76 -37.49 -0.99
C MET A 91 33.45 -38.60 -0.17
N PRO A 92 34.13 -38.23 0.91
CA PRO A 92 34.82 -39.21 1.77
C PRO A 92 33.89 -40.13 2.49
N GLU A 93 34.38 -41.34 2.74
CA GLU A 93 33.61 -42.36 3.43
C GLU A 93 33.25 -41.96 4.86
N THR A 94 33.77 -40.83 5.33
CA THR A 94 33.41 -40.37 6.67
C THR A 94 31.97 -39.85 6.65
N MET A 95 31.50 -39.45 5.47
CA MET A 95 30.15 -38.93 5.24
C MET A 95 29.09 -39.91 5.73
N SER A 96 28.06 -39.39 6.41
CA SER A 96 26.97 -40.20 6.92
C SER A 96 26.19 -40.86 5.79
N ILE A 97 25.49 -41.93 6.13
CA ILE A 97 24.71 -42.67 5.16
C ILE A 97 23.48 -41.86 4.71
N GLU A 98 22.82 -41.17 5.64
CA GLU A 98 21.63 -40.40 5.27
C GLU A 98 22.04 -39.39 4.21
N ARG A 99 23.17 -38.75 4.45
CA ARG A 99 23.71 -37.75 3.56
C ARG A 99 23.92 -38.35 2.18
N ARG A 100 24.45 -39.57 2.12
CA ARG A 100 24.68 -40.26 0.84
C ARG A 100 23.34 -40.54 0.13
N LYS A 101 22.38 -41.01 0.90
CA LYS A 101 21.04 -41.34 0.39
C LYS A 101 20.36 -40.09 -0.20
N LEU A 102 20.43 -38.99 0.55
CA LEU A 102 19.86 -37.73 0.10
C LEU A 102 20.46 -37.30 -1.23
N LEU A 103 21.81 -37.27 -1.30
CA LEU A 103 22.47 -36.85 -2.52
C LEU A 103 22.13 -37.72 -3.71
N LYS A 104 22.00 -39.02 -3.50
CA LYS A 104 21.67 -39.88 -4.63
C LYS A 104 20.24 -39.62 -5.06
N ALA A 105 19.37 -39.41 -4.07
CA ALA A 105 17.96 -39.14 -4.32
C ALA A 105 17.81 -37.89 -5.14
N LEU A 106 18.75 -36.95 -5.00
CA LEU A 106 18.70 -35.69 -5.76
C LEU A 106 19.24 -35.86 -7.19
N GLY A 107 19.64 -37.10 -7.52
CA GLY A 107 20.12 -37.39 -8.86
C GLY A 107 21.60 -37.46 -9.12
N ALA A 108 22.41 -37.27 -8.09
CA ALA A 108 23.86 -37.30 -8.32
C ALA A 108 24.48 -38.69 -8.35
N ASN A 109 25.50 -38.84 -9.20
CA ASN A 109 26.27 -40.09 -9.27
C ASN A 109 27.30 -39.95 -8.14
N LEU A 110 27.21 -40.81 -7.12
CA LEU A 110 28.10 -40.78 -5.96
C LEU A 110 29.35 -41.65 -6.05
N VAL A 111 30.49 -41.03 -5.77
CA VAL A 111 31.78 -41.72 -5.76
C VAL A 111 32.36 -41.47 -4.38
N LEU A 112 32.38 -42.53 -3.57
CA LEU A 112 32.90 -42.44 -2.21
C LEU A 112 34.44 -42.51 -2.27
N THR A 113 35.11 -41.74 -1.42
CA THR A 113 36.56 -41.74 -1.42
C THR A 113 37.12 -42.12 -0.04
N GLU A 114 38.40 -42.53 -0.03
CA GLU A 114 39.09 -42.97 1.18
C GLU A 114 38.77 -42.13 2.41
N GLY A 115 38.16 -42.76 3.41
CA GLY A 115 37.81 -42.06 4.65
C GLY A 115 39.00 -41.36 5.30
N ALA A 116 40.12 -42.07 5.36
CA ALA A 116 41.35 -41.53 5.95
C ALA A 116 41.79 -40.19 5.31
N LYS A 117 41.55 -40.01 4.01
CA LYS A 117 41.97 -38.79 3.29
C LYS A 117 41.06 -37.56 3.36
N GLY A 118 39.89 -37.72 3.97
CA GLY A 118 38.94 -36.63 4.11
C GLY A 118 38.61 -35.87 2.82
N MET A 119 38.36 -34.57 2.97
CA MET A 119 38.02 -33.75 1.82
C MET A 119 39.17 -33.71 0.83
N LYS A 120 40.40 -33.68 1.33
CA LYS A 120 41.53 -33.66 0.40
C LYS A 120 41.48 -34.85 -0.57
N GLY A 121 41.06 -36.01 -0.07
CA GLY A 121 40.99 -37.18 -0.95
C GLY A 121 39.84 -37.10 -1.94
N ALA A 122 38.77 -36.43 -1.53
CA ALA A 122 37.62 -36.29 -2.39
C ALA A 122 37.98 -35.30 -3.51
N ILE A 123 38.67 -34.21 -3.20
CA ILE A 123 39.02 -33.30 -4.28
C ILE A 123 40.02 -34.01 -5.20
N GLN A 124 40.91 -34.78 -4.59
CA GLN A 124 41.90 -35.53 -5.37
C GLN A 124 41.21 -36.43 -6.38
N LYS A 125 40.24 -37.20 -5.92
CA LYS A 125 39.50 -38.11 -6.78
C LYS A 125 38.72 -37.39 -7.88
N ALA A 126 38.18 -36.22 -7.55
CA ALA A 126 37.41 -35.44 -8.52
C ALA A 126 38.33 -35.08 -9.69
N GLU A 127 39.51 -34.58 -9.36
CA GLU A 127 40.49 -34.19 -10.37
C GLU A 127 40.85 -35.39 -11.25
N GLU A 128 40.99 -36.55 -10.63
CA GLU A 128 41.35 -37.74 -11.37
C GLU A 128 40.28 -38.17 -12.35
N ILE A 129 39.03 -38.10 -11.92
CA ILE A 129 37.95 -38.48 -12.80
C ILE A 129 37.98 -37.49 -13.98
N VAL A 130 38.17 -36.21 -13.69
CA VAL A 130 38.21 -35.22 -14.77
C VAL A 130 39.32 -35.53 -15.76
N ALA A 131 40.55 -35.63 -15.25
CA ALA A 131 41.73 -35.94 -16.05
C ALA A 131 41.52 -37.22 -16.86
N SER A 132 40.67 -38.12 -16.35
CA SER A 132 40.39 -39.37 -17.04
C SER A 132 39.69 -39.14 -18.37
N ASP A 133 39.06 -37.97 -18.51
CA ASP A 133 38.35 -37.60 -19.73
C ASP A 133 37.88 -36.17 -19.58
N PRO A 134 38.81 -35.21 -19.72
CA PRO A 134 38.63 -33.75 -19.62
C PRO A 134 37.63 -33.10 -20.57
N GLN A 135 37.31 -33.77 -21.69
CA GLN A 135 36.34 -33.20 -22.62
C GLN A 135 34.95 -33.56 -22.14
N LYS A 136 34.84 -34.70 -21.46
CA LYS A 136 33.57 -35.17 -20.93
C LYS A 136 33.28 -34.55 -19.57
N TYR A 137 34.33 -34.41 -18.77
CA TYR A 137 34.17 -33.91 -17.42
C TYR A 137 34.69 -32.51 -17.10
N LEU A 138 33.93 -31.80 -16.27
CA LEU A 138 34.33 -30.47 -15.85
C LEU A 138 34.36 -30.45 -14.32
N LEU A 139 35.49 -30.05 -13.76
CA LEU A 139 35.63 -29.97 -12.31
C LEU A 139 35.04 -28.66 -11.77
N LEU A 140 34.21 -28.75 -10.73
CA LEU A 140 33.70 -27.53 -10.10
C LEU A 140 34.19 -27.68 -8.67
N GLN A 141 35.24 -26.93 -8.34
CA GLN A 141 35.88 -27.04 -7.04
C GLN A 141 35.64 -25.79 -6.21
N GLN A 142 34.64 -25.87 -5.32
CA GLN A 142 34.19 -24.73 -4.53
C GLN A 142 35.20 -24.04 -3.63
N PHE A 143 36.25 -24.74 -3.24
CA PHE A 143 37.24 -24.12 -2.38
C PHE A 143 38.20 -23.23 -3.12
N SER A 144 38.35 -23.42 -4.44
CA SER A 144 39.31 -22.58 -5.18
C SER A 144 38.72 -21.88 -6.41
N ASN A 145 37.55 -22.29 -6.88
CA ASN A 145 36.98 -21.63 -8.06
C ASN A 145 36.57 -20.20 -7.66
N PRO A 146 37.27 -19.20 -8.20
CA PRO A 146 36.94 -17.82 -7.87
C PRO A 146 35.50 -17.39 -8.19
N ALA A 147 34.74 -18.25 -8.89
CA ALA A 147 33.35 -17.90 -9.20
C ALA A 147 32.51 -17.94 -7.91
N ASN A 148 33.07 -18.57 -6.88
CA ASN A 148 32.43 -18.67 -5.57
C ASN A 148 32.42 -17.27 -4.94
N PRO A 149 33.59 -16.70 -4.60
CA PRO A 149 33.50 -15.37 -4.01
C PRO A 149 32.95 -14.33 -5.00
N GLU A 150 33.13 -14.58 -6.30
CA GLU A 150 32.62 -13.64 -7.31
C GLU A 150 31.11 -13.45 -7.17
N ILE A 151 30.34 -14.53 -7.00
CA ILE A 151 28.90 -14.35 -6.89
C ILE A 151 28.54 -13.56 -5.64
N HIS A 152 29.31 -13.72 -4.57
CA HIS A 152 29.02 -12.97 -3.36
C HIS A 152 29.36 -11.49 -3.56
N GLU A 153 30.38 -11.22 -4.38
CA GLU A 153 30.78 -9.83 -4.65
C GLU A 153 29.72 -9.16 -5.53
N LYS A 154 29.06 -9.98 -6.35
CA LYS A 154 28.05 -9.49 -7.29
C LYS A 154 26.61 -9.52 -6.79
N THR A 155 26.31 -10.27 -5.74
CA THR A 155 24.92 -10.33 -5.25
C THR A 155 24.79 -10.12 -3.73
N THR A 156 25.35 -11.03 -2.94
CA THR A 156 25.27 -10.91 -1.47
C THR A 156 25.75 -9.56 -0.96
N GLY A 157 26.93 -9.12 -1.41
CA GLY A 157 27.49 -7.85 -0.98
C GLY A 157 26.60 -6.67 -1.34
N PRO A 158 26.27 -6.53 -2.62
CA PRO A 158 25.42 -5.42 -3.04
C PRO A 158 24.08 -5.43 -2.26
N GLU A 159 23.54 -6.64 -2.03
CA GLU A 159 22.27 -6.75 -1.28
C GLU A 159 22.43 -6.16 0.12
N ILE A 160 23.55 -6.49 0.77
CA ILE A 160 23.81 -5.95 2.10
C ILE A 160 23.98 -4.44 2.08
N TRP A 161 24.67 -3.95 1.06
CA TRP A 161 24.92 -2.52 0.95
C TRP A 161 23.62 -1.75 0.69
N GLU A 162 22.80 -2.21 -0.27
CA GLU A 162 21.53 -1.55 -0.59
C GLU A 162 20.49 -1.67 0.54
N ASP A 163 20.43 -2.85 1.16
CA ASP A 163 19.43 -3.05 2.19
C ASP A 163 19.71 -2.23 3.45
N THR A 164 20.98 -1.90 3.70
CA THR A 164 21.30 -1.09 4.87
C THR A 164 21.59 0.36 4.47
N ASP A 165 21.37 0.69 3.19
CA ASP A 165 21.70 2.04 2.70
C ASP A 165 23.13 2.42 3.13
N GLY A 166 24.04 1.46 3.00
CA GLY A 166 25.43 1.70 3.36
C GLY A 166 25.75 1.81 4.83
N GLN A 167 24.77 1.57 5.70
CA GLN A 167 24.97 1.75 7.12
C GLN A 167 25.53 0.56 7.90
N VAL A 168 25.96 -0.46 7.17
CA VAL A 168 26.55 -1.66 7.78
C VAL A 168 27.94 -1.30 8.32
N ASP A 169 28.22 -1.65 9.59
CA ASP A 169 29.51 -1.34 10.18
C ASP A 169 30.38 -2.57 10.44
N VAL A 170 29.73 -3.71 10.64
CA VAL A 170 30.42 -4.95 10.93
C VAL A 170 29.77 -6.03 10.09
N PHE A 171 30.58 -6.94 9.54
CA PHE A 171 30.06 -8.05 8.74
C PHE A 171 30.59 -9.36 9.30
N ILE A 172 29.68 -10.25 9.72
CA ILE A 172 30.09 -11.51 10.31
C ILE A 172 29.74 -12.70 9.45
N SER A 173 30.74 -13.51 9.16
CA SER A 173 30.55 -14.68 8.33
C SER A 173 31.30 -15.89 8.86
N GLY A 174 30.57 -16.98 9.14
CA GLY A 174 31.20 -18.21 9.58
C GLY A 174 31.83 -18.76 8.30
N VAL A 175 33.10 -19.14 8.37
CA VAL A 175 33.84 -19.61 7.20
C VAL A 175 33.89 -21.10 6.93
N GLY A 176 33.51 -21.45 5.70
CA GLY A 176 33.57 -22.83 5.22
C GLY A 176 34.55 -22.75 4.04
N THR A 177 34.06 -22.29 2.89
CA THR A 177 34.92 -22.09 1.71
C THR A 177 35.55 -20.70 1.83
N GLY A 178 34.91 -19.82 2.61
CA GLY A 178 35.40 -18.45 2.77
C GLY A 178 34.91 -17.51 1.68
N GLY A 179 34.18 -18.04 0.70
CA GLY A 179 33.70 -17.22 -0.40
C GLY A 179 32.77 -16.07 -0.01
N THR A 180 31.90 -16.32 0.96
CA THR A 180 30.97 -15.30 1.40
C THR A 180 31.75 -14.16 2.03
N LEU A 181 32.62 -14.50 2.96
CA LEU A 181 33.41 -13.47 3.62
C LEU A 181 34.24 -12.67 2.60
N THR A 182 34.93 -13.38 1.72
CA THR A 182 35.77 -12.72 0.73
C THR A 182 35.03 -11.81 -0.26
N GLY A 183 33.98 -12.33 -0.91
CA GLY A 183 33.23 -11.55 -1.88
C GLY A 183 32.49 -10.36 -1.30
N VAL A 184 31.80 -10.57 -0.18
CA VAL A 184 31.07 -9.48 0.44
C VAL A 184 32.04 -8.40 0.86
N THR A 185 33.16 -8.80 1.45
CA THR A 185 34.13 -7.81 1.91
C THR A 185 34.75 -7.06 0.72
N ARG A 186 35.05 -7.76 -0.36
CA ARG A 186 35.61 -7.07 -1.53
C ARG A 186 34.62 -6.01 -2.03
N TYR A 187 33.35 -6.36 -2.06
CA TYR A 187 32.36 -5.39 -2.53
C TYR A 187 32.27 -4.14 -1.65
N ILE A 188 32.13 -4.35 -0.35
CA ILE A 188 31.95 -3.26 0.59
C ILE A 188 33.20 -2.44 0.90
N LYS A 189 34.30 -3.09 1.24
CA LYS A 189 35.52 -2.36 1.51
C LYS A 189 36.15 -1.89 0.20
N GLY A 190 36.05 -2.73 -0.83
CA GLY A 190 36.68 -2.40 -2.09
C GLY A 190 35.86 -1.52 -3.00
N THR A 191 34.88 -2.11 -3.66
CA THR A 191 34.07 -1.34 -4.58
C THR A 191 33.41 -0.11 -3.93
N LYS A 192 32.88 -0.27 -2.73
CA LYS A 192 32.24 0.86 -2.08
C LYS A 192 33.16 1.72 -1.24
N GLY A 193 34.42 1.30 -1.09
CA GLY A 193 35.40 2.09 -0.36
C GLY A 193 35.25 2.22 1.14
N LYS A 194 34.30 1.49 1.73
CA LYS A 194 34.14 1.56 3.18
C LYS A 194 35.18 0.74 3.91
N THR A 195 36.41 1.27 3.93
CA THR A 195 37.54 0.60 4.54
C THR A 195 37.41 0.33 6.04
N ASP A 196 36.58 1.07 6.75
CA ASP A 196 36.49 0.75 8.18
C ASP A 196 35.40 -0.25 8.56
N LEU A 197 34.86 -0.92 7.55
CA LEU A 197 33.92 -2.01 7.82
C LEU A 197 34.80 -3.00 8.61
N ILE A 198 34.25 -3.63 9.66
CA ILE A 198 34.99 -4.63 10.43
C ILE A 198 34.52 -6.01 9.97
N THR A 199 35.39 -6.74 9.27
CA THR A 199 35.02 -8.05 8.78
C THR A 199 35.42 -9.10 9.81
N VAL A 200 34.45 -9.90 10.24
CA VAL A 200 34.69 -10.91 11.27
C VAL A 200 34.50 -12.33 10.75
N ALA A 201 35.54 -13.15 10.86
CA ALA A 201 35.46 -14.55 10.47
C ALA A 201 35.09 -15.33 11.73
N VAL A 202 34.20 -16.30 11.59
CA VAL A 202 33.79 -17.13 12.72
C VAL A 202 34.23 -18.56 12.45
N GLU A 203 34.76 -19.23 13.48
CA GLU A 203 35.20 -20.63 13.36
C GLU A 203 34.97 -21.38 14.67
N PRO A 204 35.06 -22.72 14.65
CA PRO A 204 34.84 -23.49 15.88
C PRO A 204 36.06 -23.36 16.79
N THR A 205 35.81 -23.22 18.08
CA THR A 205 36.89 -23.13 19.06
C THR A 205 37.77 -24.37 18.97
N ASP A 206 37.15 -25.53 18.72
CA ASP A 206 37.89 -26.80 18.63
C ASP A 206 38.71 -27.02 17.35
N SER A 207 38.60 -26.11 16.38
CA SER A 207 39.36 -26.23 15.14
C SER A 207 39.62 -24.80 14.62
N PRO A 208 40.35 -24.01 15.42
CA PRO A 208 40.69 -22.61 15.11
C PRO A 208 41.82 -22.39 14.13
N VAL A 209 41.71 -22.98 12.95
CA VAL A 209 42.79 -22.85 11.97
C VAL A 209 42.99 -21.45 11.38
N ILE A 210 41.94 -20.64 11.34
CA ILE A 210 42.11 -19.27 10.82
C ILE A 210 42.88 -18.44 11.84
N ALA A 211 42.53 -18.57 13.13
CA ALA A 211 43.27 -17.85 14.17
C ALA A 211 44.72 -18.33 14.11
N GLN A 212 44.91 -19.65 14.03
CA GLN A 212 46.25 -20.24 13.94
C GLN A 212 47.04 -19.64 12.79
N ALA A 213 46.44 -19.68 11.60
CA ALA A 213 47.09 -19.16 10.41
C ALA A 213 47.43 -17.69 10.54
N LEU A 214 46.52 -16.89 11.09
CA LEU A 214 46.76 -15.45 11.25
C LEU A 214 47.78 -15.15 12.35
N ALA A 215 47.98 -16.12 13.24
CA ALA A 215 48.93 -15.96 14.35
C ALA A 215 50.29 -16.49 13.94
N GLY A 216 50.38 -16.99 12.72
CA GLY A 216 51.65 -17.52 12.22
C GLY A 216 51.96 -18.89 12.76
N GLU A 217 50.97 -19.51 13.38
CA GLU A 217 51.13 -20.85 13.95
C GLU A 217 50.88 -21.97 12.97
N GLU A 218 51.23 -23.17 13.38
CA GLU A 218 51.05 -24.38 12.60
C GLU A 218 49.55 -24.71 12.58
N ILE A 219 49.03 -25.10 11.42
CA ILE A 219 47.62 -25.41 11.31
C ILE A 219 47.31 -26.80 11.86
N LYS A 220 46.55 -26.84 12.94
CA LYS A 220 46.18 -28.09 13.60
C LYS A 220 44.67 -28.10 13.83
N PRO A 221 43.93 -28.74 12.93
CA PRO A 221 42.47 -28.80 13.06
C PRO A 221 41.96 -29.79 14.08
N GLY A 222 40.67 -29.77 14.34
CA GLY A 222 40.09 -30.69 15.29
C GLY A 222 38.62 -30.93 15.00
N PRO A 223 38.03 -32.01 15.54
CA PRO A 223 36.61 -32.33 15.32
C PRO A 223 35.75 -31.30 16.02
N HIS A 224 34.60 -30.97 15.43
CA HIS A 224 33.70 -30.01 16.07
C HIS A 224 32.30 -30.29 15.49
N LYS A 225 31.29 -29.64 16.05
CA LYS A 225 29.93 -29.89 15.60
C LYS A 225 29.24 -28.76 14.84
N ILE A 226 29.97 -27.72 14.45
CA ILE A 226 29.31 -26.63 13.73
C ILE A 226 29.31 -26.97 12.23
N GLN A 227 28.36 -27.79 11.80
CA GLN A 227 28.28 -28.20 10.40
C GLN A 227 28.23 -27.03 9.43
N GLY A 228 29.04 -27.14 8.37
CA GLY A 228 29.08 -26.11 7.36
C GLY A 228 30.29 -25.21 7.44
N ILE A 229 30.93 -25.10 8.60
CA ILE A 229 32.10 -24.26 8.73
C ILE A 229 33.25 -25.08 9.33
N GLY A 230 34.44 -24.50 9.35
CA GLY A 230 35.59 -25.16 9.95
C GLY A 230 36.06 -26.37 9.17
N ALA A 231 36.52 -26.14 7.94
CA ALA A 231 37.02 -27.20 7.07
C ALA A 231 38.38 -27.76 7.57
N GLY A 232 39.03 -27.05 8.47
CA GLY A 232 40.28 -27.56 9.01
C GLY A 232 41.51 -27.17 8.22
N PHE A 233 41.34 -26.32 7.22
CA PHE A 233 42.46 -25.82 6.43
C PHE A 233 42.03 -24.45 5.91
N ILE A 234 42.96 -23.73 5.30
CA ILE A 234 42.67 -22.41 4.78
C ILE A 234 42.30 -22.51 3.29
N PRO A 235 41.01 -22.39 2.96
CA PRO A 235 40.54 -22.48 1.58
C PRO A 235 41.12 -21.40 0.67
N GLY A 236 41.36 -21.74 -0.58
CA GLY A 236 41.90 -20.76 -1.50
C GLY A 236 40.94 -19.57 -1.63
N ASN A 237 39.65 -19.80 -1.36
CA ASN A 237 38.67 -18.73 -1.46
C ASN A 237 38.49 -17.83 -0.23
N LEU A 238 39.34 -18.02 0.77
CA LEU A 238 39.34 -17.22 1.99
C LEU A 238 40.54 -16.26 1.88
N ASP A 239 40.29 -14.96 1.72
CA ASP A 239 41.41 -14.02 1.64
C ASP A 239 41.68 -13.56 3.05
N LEU A 240 42.69 -14.18 3.67
CA LEU A 240 43.06 -13.88 5.03
C LEU A 240 43.29 -12.41 5.31
N LYS A 241 43.77 -11.69 4.30
CA LYS A 241 44.09 -10.26 4.48
C LYS A 241 42.87 -9.37 4.74
N LEU A 242 41.69 -9.86 4.37
CA LEU A 242 40.42 -9.10 4.51
C LEU A 242 39.78 -9.26 5.87
N ILE A 243 40.34 -10.14 6.69
CA ILE A 243 39.79 -10.42 8.01
C ILE A 243 40.31 -9.49 9.10
N ASP A 244 39.39 -8.82 9.78
CA ASP A 244 39.79 -7.93 10.84
C ASP A 244 39.79 -8.58 12.20
N LYS A 245 38.94 -9.58 12.36
CA LYS A 245 38.83 -10.24 13.64
C LYS A 245 38.32 -11.66 13.45
N VAL A 246 38.80 -12.57 14.28
CA VAL A 246 38.33 -13.95 14.21
C VAL A 246 37.71 -14.27 15.54
N VAL A 247 36.50 -14.82 15.52
CA VAL A 247 35.82 -15.17 16.75
C VAL A 247 35.59 -16.69 16.78
N GLY A 248 36.11 -17.34 17.82
CA GLY A 248 35.95 -18.77 18.00
C GLY A 248 34.68 -19.08 18.79
N ILE A 249 33.89 -20.03 18.31
CA ILE A 249 32.63 -20.36 18.97
C ILE A 249 32.57 -21.82 19.39
N THR A 250 32.06 -22.10 20.59
CA THR A 250 31.97 -23.48 21.01
C THR A 250 30.70 -24.16 20.44
N ASN A 251 30.69 -25.49 20.46
CA ASN A 251 29.55 -26.22 19.93
C ASN A 251 28.31 -25.81 20.72
N GLU A 252 28.45 -25.70 22.04
CA GLU A 252 27.33 -25.35 22.91
C GLU A 252 26.78 -23.96 22.61
N GLU A 253 27.67 -23.00 22.42
CA GLU A 253 27.23 -21.65 22.11
C GLU A 253 26.46 -21.62 20.77
N ALA A 254 26.99 -22.31 19.77
CA ALA A 254 26.34 -22.34 18.45
C ALA A 254 24.93 -22.93 18.56
N ILE A 255 24.82 -24.09 19.20
CA ILE A 255 23.53 -24.76 19.34
C ILE A 255 22.53 -23.96 20.15
N SER A 256 22.93 -23.47 21.32
CA SER A 256 21.98 -22.72 22.13
C SER A 256 21.53 -21.43 21.44
N THR A 257 22.45 -20.77 20.71
CA THR A 257 22.06 -19.54 20.01
C THR A 257 21.11 -19.86 18.83
N ALA A 258 21.29 -21.01 18.18
CA ALA A 258 20.40 -21.40 17.08
C ALA A 258 19.00 -21.59 17.69
N ARG A 259 18.97 -22.20 18.86
CA ARG A 259 17.68 -22.42 19.54
C ARG A 259 17.05 -21.08 19.90
N ARG A 260 17.85 -20.12 20.36
CA ARG A 260 17.29 -18.81 20.66
C ARG A 260 16.68 -18.16 19.40
N LEU A 261 17.36 -18.30 18.26
CA LEU A 261 16.84 -17.75 17.01
C LEU A 261 15.42 -18.29 16.74
N MET A 262 15.25 -19.60 16.90
CA MET A 262 13.94 -20.16 16.63
C MET A 262 12.86 -19.70 17.62
N GLU A 263 13.19 -19.78 18.90
CA GLU A 263 12.22 -19.43 19.92
C GLU A 263 11.97 -17.96 20.17
N GLU A 264 13.02 -17.15 20.10
CA GLU A 264 12.86 -15.73 20.36
C GLU A 264 12.64 -14.90 19.10
N GLU A 265 13.00 -15.41 17.94
CA GLU A 265 12.83 -14.61 16.72
C GLU A 265 12.00 -15.30 15.65
N GLY A 266 11.67 -16.57 15.85
CA GLY A 266 10.91 -17.27 14.84
C GLY A 266 11.71 -17.43 13.56
N ILE A 267 13.02 -17.59 13.71
CA ILE A 267 13.90 -17.81 12.55
C ILE A 267 14.46 -19.24 12.65
N LEU A 268 14.17 -20.06 11.65
CA LEU A 268 14.61 -21.45 11.61
C LEU A 268 16.07 -21.47 11.20
N ALA A 269 16.96 -21.63 12.16
CA ALA A 269 18.37 -21.57 11.85
C ALA A 269 19.18 -22.81 12.10
N GLY A 270 20.17 -23.05 11.24
CA GLY A 270 21.05 -24.19 11.42
C GLY A 270 22.13 -23.82 12.45
N ILE A 271 22.91 -24.82 12.89
CA ILE A 271 23.95 -24.59 13.88
C ILE A 271 24.95 -23.49 13.50
N SER A 272 25.42 -23.45 12.26
CA SER A 272 26.37 -22.41 11.87
C SER A 272 25.73 -21.02 11.92
N SER A 273 24.42 -20.94 11.77
CA SER A 273 23.75 -19.65 11.87
C SER A 273 23.81 -19.25 13.34
N GLY A 274 23.60 -20.21 14.23
CA GLY A 274 23.66 -19.91 15.65
C GLY A 274 25.08 -19.45 16.01
N ALA A 275 26.08 -20.09 15.41
CA ALA A 275 27.49 -19.72 15.66
C ALA A 275 27.76 -18.27 15.27
N ALA A 276 27.31 -17.90 14.07
CA ALA A 276 27.52 -16.53 13.57
C ALA A 276 26.86 -15.50 14.48
N VAL A 277 25.65 -15.81 14.93
CA VAL A 277 24.95 -14.85 15.80
C VAL A 277 25.60 -14.82 17.19
N ALA A 278 26.14 -15.97 17.64
CA ALA A 278 26.78 -16.02 18.94
C ALA A 278 28.00 -15.12 18.88
N ALA A 279 28.67 -15.08 17.73
CA ALA A 279 29.84 -14.21 17.58
C ALA A 279 29.41 -12.75 17.71
N ALA A 280 28.26 -12.40 17.14
CA ALA A 280 27.74 -11.04 17.23
C ALA A 280 27.51 -10.71 18.71
N LEU A 281 26.93 -11.65 19.45
CA LEU A 281 26.66 -11.42 20.86
C LEU A 281 28.00 -11.15 21.56
N LYS A 282 29.00 -11.99 21.28
CA LYS A 282 30.31 -11.79 21.91
C LYS A 282 30.88 -10.40 21.62
N LEU A 283 30.80 -9.95 20.38
CA LEU A 283 31.29 -8.62 20.04
C LEU A 283 30.54 -7.53 20.81
N GLN A 284 29.25 -7.70 21.03
CA GLN A 284 28.50 -6.67 21.74
C GLN A 284 28.79 -6.62 23.24
N GLU A 285 29.66 -7.52 23.70
CA GLU A 285 30.10 -7.51 25.11
C GLU A 285 31.19 -6.45 25.22
N ASP A 286 31.66 -5.98 24.07
CA ASP A 286 32.73 -5.00 23.97
C ASP A 286 32.11 -3.64 23.63
N GLU A 287 32.34 -2.67 24.52
CA GLU A 287 31.81 -1.31 24.36
C GLU A 287 32.10 -0.67 23.00
N SER A 288 33.20 -1.06 22.35
CA SER A 288 33.49 -0.46 21.07
C SER A 288 32.48 -0.89 20.01
N PHE A 289 31.72 -1.96 20.27
CA PHE A 289 30.76 -2.43 19.26
C PHE A 289 29.33 -2.03 19.53
N THR A 290 29.08 -1.45 20.71
CA THR A 290 27.73 -1.13 21.12
C THR A 290 26.80 -0.41 20.17
N ASN A 291 27.29 0.58 19.43
CA ASN A 291 26.42 1.29 18.51
C ASN A 291 26.58 0.91 17.03
N LYS A 292 27.29 -0.17 16.76
CA LYS A 292 27.49 -0.55 15.36
C LYS A 292 26.40 -1.46 14.79
N ASN A 293 26.10 -1.28 13.51
CA ASN A 293 25.13 -2.12 12.82
C ASN A 293 25.88 -3.36 12.34
N ILE A 294 25.50 -4.51 12.88
CA ILE A 294 26.15 -5.76 12.58
C ILE A 294 25.30 -6.61 11.65
N VAL A 295 25.84 -6.92 10.47
CA VAL A 295 25.12 -7.76 9.54
C VAL A 295 25.75 -9.16 9.68
N VAL A 296 24.91 -10.18 9.91
CA VAL A 296 25.40 -11.52 10.12
C VAL A 296 24.76 -12.48 9.12
N ILE A 297 25.57 -13.31 8.46
CA ILE A 297 25.02 -14.28 7.52
C ILE A 297 24.47 -15.48 8.30
N LEU A 298 23.25 -15.91 7.99
CA LEU A 298 22.66 -17.12 8.59
C LEU A 298 22.68 -18.01 7.36
N PRO A 299 23.71 -18.86 7.24
CA PRO A 299 23.88 -19.75 6.09
C PRO A 299 22.79 -20.71 5.65
N SER A 300 22.02 -21.24 6.59
CA SER A 300 21.01 -22.22 6.23
C SER A 300 20.03 -22.39 7.37
N SER A 301 19.02 -23.25 7.15
CA SER A 301 18.00 -23.52 8.15
C SER A 301 18.36 -24.74 9.00
N GLY A 302 17.57 -24.95 10.04
CA GLY A 302 17.79 -26.09 10.91
C GLY A 302 17.40 -27.42 10.24
N SER B 1 -9.27 45.89 -1.80
CA SER B 1 -8.86 44.62 -1.15
C SER B 1 -10.00 43.61 -1.27
N LYS B 2 -9.72 42.37 -0.89
CA LYS B 2 -10.73 41.31 -0.93
C LYS B 2 -10.44 40.33 0.21
N ILE B 3 -10.71 40.82 1.42
CA ILE B 3 -10.50 40.06 2.65
C ILE B 3 -11.91 39.73 3.16
N TYR B 4 -12.21 38.45 3.30
CA TYR B 4 -13.53 38.04 3.73
C TYR B 4 -13.57 38.12 5.25
N GLU B 5 -14.63 38.73 5.79
CA GLU B 5 -14.71 38.87 7.26
C GLU B 5 -14.93 37.56 8.01
N ASP B 6 -15.48 36.56 7.34
CA ASP B 6 -15.61 35.24 7.92
C ASP B 6 -15.86 34.27 6.78
N ASN B 7 -15.67 32.97 7.02
CA ASN B 7 -15.79 31.96 5.97
C ASN B 7 -17.14 31.91 5.28
N SER B 8 -18.20 32.36 5.96
CA SER B 8 -19.53 32.30 5.35
C SER B 8 -19.65 33.25 4.16
N LEU B 9 -18.90 34.34 4.19
CA LEU B 9 -18.93 35.30 3.09
C LEU B 9 -18.24 34.85 1.82
N THR B 10 -17.58 33.70 1.88
CA THR B 10 -16.83 33.19 0.72
C THR B 10 -17.62 32.29 -0.22
N ILE B 11 -18.92 32.14 0.02
CA ILE B 11 -19.74 31.26 -0.81
C ILE B 11 -19.85 31.69 -2.26
N GLY B 12 -20.17 30.73 -3.12
CA GLY B 12 -20.41 31.03 -4.52
C GLY B 12 -19.26 31.30 -5.45
N HIS B 13 -19.59 31.92 -6.59
CA HIS B 13 -18.63 32.21 -7.65
C HIS B 13 -17.91 30.91 -8.01
N THR B 14 -18.70 29.84 -8.14
CA THR B 14 -18.16 28.53 -8.49
C THR B 14 -17.91 28.49 -9.99
N PRO B 15 -16.92 27.71 -10.43
CA PRO B 15 -16.57 27.61 -11.85
C PRO B 15 -17.56 26.85 -12.74
N LEU B 16 -17.68 27.29 -13.98
CA LEU B 16 -18.52 26.61 -14.95
C LEU B 16 -17.45 25.97 -15.87
N VAL B 17 -17.46 24.63 -15.96
CA VAL B 17 -16.46 23.90 -16.74
C VAL B 17 -17.09 23.12 -17.90
N ARG B 18 -16.54 23.30 -19.09
CA ARG B 18 -17.07 22.57 -20.24
C ARG B 18 -16.70 21.10 -20.14
N LEU B 19 -17.67 20.21 -20.34
CA LEU B 19 -17.37 18.76 -20.33
C LEU B 19 -16.95 18.45 -21.77
N ASN B 20 -15.76 17.88 -21.92
CA ASN B 20 -15.22 17.58 -23.25
C ASN B 20 -15.41 16.17 -23.81
N ARG B 21 -15.49 15.19 -22.90
CA ARG B 21 -15.65 13.79 -23.24
C ARG B 21 -17.04 13.21 -22.96
N ILE B 22 -17.78 13.86 -22.05
CA ILE B 22 -19.14 13.47 -21.72
C ILE B 22 -20.07 14.42 -22.48
N GLY B 23 -20.87 13.88 -23.39
CA GLY B 23 -21.76 14.75 -24.13
C GLY B 23 -21.10 15.34 -25.34
N ASN B 24 -21.81 16.26 -25.98
CA ASN B 24 -21.37 16.87 -27.22
C ASN B 24 -20.49 18.12 -27.12
N GLY B 25 -20.00 18.44 -25.93
CA GLY B 25 -19.19 19.66 -25.80
C GLY B 25 -20.03 20.88 -25.37
N ARG B 26 -21.35 20.72 -25.29
CA ARG B 26 -22.21 21.84 -24.87
C ARG B 26 -22.71 21.68 -23.42
N ILE B 27 -22.22 20.67 -22.71
CA ILE B 27 -22.65 20.52 -21.33
C ILE B 27 -21.64 21.30 -20.49
N LEU B 28 -22.13 22.28 -19.73
CA LEU B 28 -21.28 23.13 -18.88
C LEU B 28 -21.67 22.80 -17.46
N ALA B 29 -20.71 22.26 -16.70
CA ALA B 29 -20.95 21.83 -15.33
C ALA B 29 -20.52 22.89 -14.30
N LYS B 30 -21.43 23.25 -13.39
CA LYS B 30 -21.14 24.24 -12.36
C LYS B 30 -20.73 23.42 -11.15
N VAL B 31 -19.49 23.61 -10.72
CA VAL B 31 -18.92 22.84 -9.62
C VAL B 31 -19.18 23.43 -8.23
N GLU B 32 -20.29 23.02 -7.64
CA GLU B 32 -20.68 23.54 -6.32
C GLU B 32 -19.87 23.00 -5.14
N SER B 33 -18.97 22.05 -5.42
CA SER B 33 -18.11 21.54 -4.35
C SER B 33 -17.02 22.60 -4.07
N ARG B 34 -16.98 23.64 -4.91
CA ARG B 34 -16.02 24.76 -4.76
C ARG B 34 -16.61 25.83 -3.86
N ASN B 35 -16.98 25.41 -2.67
CA ASN B 35 -17.64 26.23 -1.67
C ASN B 35 -17.08 25.78 -0.33
N PRO B 36 -17.18 26.63 0.70
CA PRO B 36 -16.65 26.11 1.96
C PRO B 36 -17.64 24.97 2.30
N SER B 37 -17.16 23.96 2.98
CA SER B 37 -17.95 22.79 3.34
C SER B 37 -18.21 21.88 2.13
N PHE B 38 -17.68 22.25 0.96
CA PHE B 38 -17.77 21.37 -0.21
C PHE B 38 -19.08 21.02 -0.89
N SER B 39 -20.11 21.85 -0.73
CA SER B 39 -21.36 21.55 -1.43
C SER B 39 -22.16 22.82 -1.64
N VAL B 40 -23.15 22.71 -2.50
CA VAL B 40 -24.02 23.82 -2.82
C VAL B 40 -24.73 24.31 -1.54
N LYS B 41 -24.87 23.41 -0.57
CA LYS B 41 -25.57 23.78 0.66
C LYS B 41 -24.98 24.96 1.43
N CYS B 42 -23.71 25.26 1.24
CA CYS B 42 -23.17 26.37 2.01
C CYS B 42 -23.86 27.70 1.64
N ARG B 43 -24.36 27.79 0.42
CA ARG B 43 -25.03 29.03 0.00
C ARG B 43 -26.27 29.26 0.85
N ILE B 44 -27.03 28.20 1.12
CA ILE B 44 -28.25 28.39 1.91
C ILE B 44 -27.96 28.40 3.41
N GLY B 45 -26.95 27.66 3.83
CA GLY B 45 -26.62 27.70 5.24
C GLY B 45 -26.27 29.13 5.59
N ALA B 46 -25.50 29.77 4.72
CA ALA B 46 -25.13 31.13 4.97
C ALA B 46 -26.32 32.09 4.83
N ASN B 47 -27.11 31.98 3.75
CA ASN B 47 -28.19 32.96 3.58
C ASN B 47 -29.35 32.84 4.55
N MET B 48 -29.65 31.63 5.01
CA MET B 48 -30.74 31.50 5.96
C MET B 48 -30.32 32.20 7.27
N ILE B 49 -29.03 32.07 7.59
CA ILE B 49 -28.51 32.70 8.79
C ILE B 49 -28.46 34.21 8.59
N TRP B 50 -27.90 34.68 7.47
CA TRP B 50 -27.85 36.10 7.19
C TRP B 50 -29.25 36.69 7.17
N ASP B 51 -30.18 35.96 6.57
CA ASP B 51 -31.55 36.47 6.47
C ASP B 51 -32.17 36.59 7.86
N ALA B 52 -31.99 35.56 8.70
CA ALA B 52 -32.54 35.61 10.05
C ALA B 52 -31.94 36.79 10.83
N GLU B 53 -30.67 37.08 10.59
CA GLU B 53 -30.02 38.20 11.27
C GLU B 53 -30.66 39.50 10.81
N LYS B 54 -30.87 39.64 9.50
CA LYS B 54 -31.46 40.84 8.93
C LYS B 54 -32.90 41.04 9.46
N ARG B 55 -33.62 39.95 9.59
CA ARG B 55 -34.99 40.00 10.08
C ARG B 55 -35.04 40.30 11.56
N GLY B 56 -33.88 40.19 12.20
CA GLY B 56 -33.81 40.49 13.62
C GLY B 56 -34.15 39.35 14.55
N VAL B 57 -34.42 38.16 14.01
CA VAL B 57 -34.75 37.03 14.87
C VAL B 57 -33.51 36.28 15.32
N LEU B 58 -32.43 36.38 14.55
CA LEU B 58 -31.17 35.72 14.94
C LEU B 58 -30.30 36.78 15.59
N LYS B 59 -29.88 36.52 16.82
CA LYS B 59 -29.07 37.46 17.57
C LYS B 59 -28.25 36.71 18.63
N PRO B 60 -27.43 37.44 19.40
CA PRO B 60 -26.67 36.76 20.44
C PRO B 60 -27.75 36.31 21.47
N GLY B 61 -27.69 35.06 21.89
CA GLY B 61 -28.69 34.58 22.83
C GLY B 61 -29.45 33.44 22.18
N VAL B 62 -29.89 33.66 20.95
CA VAL B 62 -30.62 32.64 20.20
C VAL B 62 -29.65 31.55 19.78
N GLU B 63 -30.06 30.29 19.95
CA GLU B 63 -29.24 29.16 19.56
C GLU B 63 -30.00 28.41 18.46
N LEU B 64 -29.27 27.85 17.49
CA LEU B 64 -29.92 27.11 16.43
C LEU B 64 -30.07 25.64 16.79
N VAL B 65 -31.17 25.06 16.33
CA VAL B 65 -31.42 23.65 16.52
C VAL B 65 -31.86 23.18 15.12
N GLU B 66 -31.30 22.08 14.67
CA GLU B 66 -31.59 21.62 13.33
C GLU B 66 -31.58 20.09 13.22
N PRO B 67 -32.60 19.51 12.56
CA PRO B 67 -32.69 18.06 12.37
C PRO B 67 -31.96 17.74 11.09
N THR B 68 -30.74 18.27 10.96
CA THR B 68 -29.92 18.10 9.78
C THR B 68 -28.50 17.65 10.10
N ASN B 69 -28.08 16.59 9.45
CA ASN B 69 -26.77 16.05 9.67
C ASN B 69 -26.11 15.72 8.33
N GLY B 70 -26.77 16.08 7.23
CA GLY B 70 -26.23 15.81 5.91
C GLY B 70 -25.43 17.00 5.41
N ASN B 71 -25.54 17.34 4.13
CA ASN B 71 -24.81 18.50 3.60
C ASN B 71 -25.30 19.81 4.20
N THR B 72 -26.59 19.92 4.41
CA THR B 72 -27.12 21.16 4.99
C THR B 72 -26.66 21.30 6.45
N GLY B 73 -26.56 20.18 7.16
CA GLY B 73 -26.12 20.24 8.54
C GLY B 73 -24.65 20.69 8.66
N ILE B 74 -23.83 20.26 7.73
CA ILE B 74 -22.43 20.64 7.73
C ILE B 74 -22.31 22.13 7.42
N ALA B 75 -23.08 22.60 6.45
CA ALA B 75 -23.08 24.00 6.07
C ALA B 75 -23.50 24.86 7.28
N LEU B 76 -24.55 24.44 7.97
CA LEU B 76 -25.01 25.20 9.12
C LEU B 76 -23.93 25.20 10.19
N ALA B 77 -23.23 24.07 10.38
CA ALA B 77 -22.17 23.95 11.38
C ALA B 77 -21.01 24.92 11.07
N TYR B 78 -20.57 24.96 9.82
CA TYR B 78 -19.48 25.87 9.50
C TYR B 78 -19.93 27.34 9.62
N VAL B 79 -21.13 27.66 9.14
CA VAL B 79 -21.54 29.05 9.27
C VAL B 79 -21.73 29.46 10.74
N ALA B 80 -22.26 28.56 11.57
CA ALA B 80 -22.49 28.86 12.98
C ALA B 80 -21.15 29.07 13.69
N ALA B 81 -20.17 28.25 13.34
CA ALA B 81 -18.85 28.35 13.95
C ALA B 81 -18.20 29.66 13.50
N ALA B 82 -18.38 30.02 12.22
CA ALA B 82 -17.80 31.26 11.65
C ALA B 82 -18.43 32.55 12.19
N ARG B 83 -19.72 32.47 12.48
CA ARG B 83 -20.42 33.64 12.97
C ARG B 83 -20.71 33.64 14.47
N GLY B 84 -20.29 32.58 15.16
CA GLY B 84 -20.45 32.52 16.60
C GLY B 84 -21.81 32.21 17.20
N TYR B 85 -22.51 31.22 16.63
CA TYR B 85 -23.81 30.84 17.15
C TYR B 85 -23.69 29.44 17.67
N LYS B 86 -24.44 29.12 18.72
CA LYS B 86 -24.40 27.76 19.22
C LYS B 86 -25.36 27.00 18.32
N LEU B 87 -25.03 25.76 18.03
CA LEU B 87 -25.85 24.95 17.17
C LEU B 87 -26.01 23.55 17.73
N THR B 88 -27.24 23.07 17.68
CA THR B 88 -27.54 21.72 18.12
C THR B 88 -28.16 20.99 16.93
N LEU B 89 -27.62 19.82 16.66
CA LEU B 89 -28.09 19.02 15.57
C LEU B 89 -28.63 17.72 16.11
N THR B 90 -29.88 17.41 15.82
CA THR B 90 -30.46 16.15 16.26
C THR B 90 -30.38 15.24 15.07
N MET B 91 -30.14 13.96 15.32
CA MET B 91 -30.01 12.98 14.27
C MET B 91 -30.10 11.58 14.84
N PRO B 92 -30.54 10.61 14.02
CA PRO B 92 -30.66 9.23 14.47
C PRO B 92 -29.31 8.77 15.02
N GLU B 93 -29.33 7.96 16.08
CA GLU B 93 -28.09 7.48 16.67
C GLU B 93 -27.36 6.55 15.69
N THR B 94 -28.01 6.26 14.57
CA THR B 94 -27.44 5.37 13.56
C THR B 94 -26.48 6.06 12.59
N MET B 95 -26.46 7.40 12.61
CA MET B 95 -25.57 8.19 11.75
C MET B 95 -24.12 7.75 11.97
N SER B 96 -23.28 7.80 10.94
CA SER B 96 -21.89 7.37 11.07
C SER B 96 -21.10 8.08 12.16
N ILE B 97 -20.10 7.38 12.69
CA ILE B 97 -19.25 7.96 13.73
C ILE B 97 -18.45 9.10 13.10
N GLU B 98 -17.98 8.87 11.89
CA GLU B 98 -17.19 9.85 11.17
C GLU B 98 -18.00 11.14 10.99
N ARG B 99 -19.24 11.00 10.53
CA ARG B 99 -20.07 12.18 10.34
C ARG B 99 -20.30 12.91 11.65
N ARG B 100 -20.47 12.15 12.73
CA ARG B 100 -20.69 12.77 14.02
C ARG B 100 -19.44 13.54 14.48
N LYS B 101 -18.26 13.02 14.16
CA LYS B 101 -17.03 13.69 14.55
C LYS B 101 -16.80 14.96 13.72
N LEU B 102 -17.06 14.90 12.42
CA LEU B 102 -16.88 16.07 11.57
C LEU B 102 -17.79 17.17 12.12
N LEU B 103 -19.01 16.79 12.44
CA LEU B 103 -19.97 17.74 12.99
C LEU B 103 -19.52 18.30 14.35
N LYS B 104 -19.04 17.43 15.23
CA LYS B 104 -18.59 17.92 16.51
C LYS B 104 -17.33 18.77 16.38
N ALA B 105 -16.49 18.46 15.38
CA ALA B 105 -15.27 19.23 15.14
C ALA B 105 -15.66 20.68 14.87
N LEU B 106 -16.73 20.86 14.11
CA LEU B 106 -17.21 22.18 13.79
C LEU B 106 -17.91 22.87 14.95
N GLY B 107 -17.89 22.22 16.10
CA GLY B 107 -18.50 22.82 17.28
C GLY B 107 -19.98 22.56 17.49
N ALA B 108 -20.56 21.68 16.68
CA ALA B 108 -21.99 21.38 16.82
C ALA B 108 -22.28 20.48 18.00
N ASN B 109 -23.34 20.80 18.74
CA ASN B 109 -23.76 20.01 19.89
C ASN B 109 -24.71 18.98 19.32
N LEU B 110 -24.34 17.72 19.45
CA LEU B 110 -25.14 16.66 18.90
C LEU B 110 -26.15 16.08 19.90
N VAL B 111 -27.31 15.71 19.38
CA VAL B 111 -28.37 15.09 20.17
C VAL B 111 -28.80 13.88 19.34
N LEU B 112 -28.43 12.68 19.78
CA LEU B 112 -28.80 11.47 19.06
C LEU B 112 -30.18 10.99 19.49
N THR B 113 -30.94 10.49 18.52
CA THR B 113 -32.30 9.99 18.74
C THR B 113 -32.40 8.52 18.37
N GLU B 114 -33.52 7.89 18.75
CA GLU B 114 -33.71 6.48 18.47
C GLU B 114 -33.57 6.16 16.99
N GLY B 115 -32.70 5.20 16.68
CA GLY B 115 -32.48 4.84 15.29
C GLY B 115 -33.70 4.29 14.57
N ALA B 116 -34.65 3.74 15.32
CA ALA B 116 -35.87 3.17 14.73
C ALA B 116 -36.81 4.26 14.23
N LYS B 117 -36.71 5.45 14.80
CA LYS B 117 -37.57 6.55 14.38
C LYS B 117 -37.01 7.29 13.16
N GLY B 118 -35.80 6.93 12.74
CA GLY B 118 -35.19 7.57 11.59
C GLY B 118 -35.23 9.10 11.63
N MET B 119 -35.21 9.73 10.47
CA MET B 119 -35.25 11.18 10.41
C MET B 119 -36.48 11.76 11.10
N LYS B 120 -37.54 10.96 11.16
CA LYS B 120 -38.77 11.38 11.81
C LYS B 120 -38.44 11.68 13.28
N GLY B 121 -37.72 10.77 13.92
CA GLY B 121 -37.34 10.96 15.31
C GLY B 121 -36.47 12.19 15.47
N ALA B 122 -35.42 12.28 14.65
CA ALA B 122 -34.54 13.42 14.73
C ALA B 122 -35.35 14.70 14.56
N ILE B 123 -36.24 14.72 13.57
CA ILE B 123 -37.05 15.90 13.32
C ILE B 123 -38.01 16.26 14.46
N GLN B 124 -38.60 15.24 15.07
CA GLN B 124 -39.54 15.51 16.16
C GLN B 124 -38.76 16.09 17.35
N LYS B 125 -37.62 15.47 17.65
CA LYS B 125 -36.76 15.91 18.75
C LYS B 125 -36.42 17.38 18.59
N ALA B 126 -35.98 17.76 17.39
CA ALA B 126 -35.65 19.16 17.14
C ALA B 126 -36.85 20.05 17.46
N GLU B 127 -38.03 19.66 16.99
CA GLU B 127 -39.23 20.46 17.25
C GLU B 127 -39.51 20.49 18.75
N GLU B 128 -39.30 19.36 19.40
CA GLU B 128 -39.52 19.27 20.83
C GLU B 128 -38.58 20.20 21.55
N ILE B 129 -37.32 20.20 21.12
CA ILE B 129 -36.34 21.05 21.76
C ILE B 129 -36.75 22.51 21.60
N VAL B 130 -37.06 22.96 20.39
CA VAL B 130 -37.45 24.35 20.27
C VAL B 130 -38.75 24.62 20.99
N ALA B 131 -39.61 23.61 21.05
CA ALA B 131 -40.91 23.74 21.72
C ALA B 131 -40.69 24.07 23.19
N SER B 132 -39.54 23.65 23.70
CA SER B 132 -39.17 23.91 25.07
C SER B 132 -39.12 25.42 25.23
N ASP B 133 -38.00 26.01 24.81
CA ASP B 133 -37.77 27.45 24.91
C ASP B 133 -37.76 28.12 23.53
N PRO B 134 -38.94 28.31 22.94
CA PRO B 134 -39.06 28.94 21.61
C PRO B 134 -38.38 30.30 21.49
N GLN B 135 -38.16 30.97 22.60
CA GLN B 135 -37.50 32.28 22.56
C GLN B 135 -35.98 32.06 22.46
N LYS B 136 -35.53 30.93 23.01
CA LYS B 136 -34.11 30.59 23.02
C LYS B 136 -33.61 29.89 21.75
N TYR B 137 -34.47 29.06 21.17
CA TYR B 137 -34.12 28.28 20.00
C TYR B 137 -34.72 28.70 18.67
N LEU B 138 -34.03 28.31 17.60
CA LEU B 138 -34.47 28.61 16.23
C LEU B 138 -34.16 27.44 15.31
N LEU B 139 -35.17 27.02 14.54
CA LEU B 139 -35.04 25.94 13.58
C LEU B 139 -35.36 26.56 12.21
N LEU B 140 -34.34 26.71 11.37
CA LEU B 140 -34.50 27.35 10.06
C LEU B 140 -35.49 26.75 9.02
N GLN B 141 -35.33 25.47 8.69
CA GLN B 141 -36.20 24.74 7.74
C GLN B 141 -35.86 24.93 6.24
N GLN B 142 -34.80 24.27 5.77
CA GLN B 142 -34.38 24.37 4.37
C GLN B 142 -35.49 24.07 3.32
N PHE B 143 -36.43 23.21 3.65
CA PHE B 143 -37.45 22.88 2.66
C PHE B 143 -38.49 23.93 2.38
N SER B 144 -38.64 24.91 3.27
CA SER B 144 -39.66 25.90 3.03
C SER B 144 -39.21 27.34 3.22
N ASN B 145 -38.03 27.53 3.82
CA ASN B 145 -37.54 28.88 4.05
C ASN B 145 -37.22 29.55 2.71
N PRO B 146 -37.81 30.75 2.42
CA PRO B 146 -37.51 31.37 1.13
C PRO B 146 -36.10 31.95 0.95
N ALA B 147 -35.31 32.03 2.04
CA ALA B 147 -33.94 32.57 1.92
C ALA B 147 -33.07 31.55 1.14
N ASN B 148 -33.59 30.32 1.01
CA ASN B 148 -32.91 29.25 0.28
C ASN B 148 -32.94 29.61 -1.21
N PRO B 149 -34.12 29.63 -1.84
CA PRO B 149 -34.08 29.99 -3.27
C PRO B 149 -33.61 31.43 -3.48
N GLU B 150 -33.82 32.31 -2.49
CA GLU B 150 -33.37 33.69 -2.63
C GLU B 150 -31.86 33.76 -2.90
N ILE B 151 -31.05 33.01 -2.16
CA ILE B 151 -29.59 33.09 -2.41
C ILE B 151 -29.24 32.58 -3.81
N HIS B 152 -29.99 31.62 -4.29
CA HIS B 152 -29.72 31.12 -5.64
C HIS B 152 -30.13 32.18 -6.69
N GLU B 153 -31.18 32.95 -6.38
CA GLU B 153 -31.64 34.00 -7.29
C GLU B 153 -30.65 35.15 -7.32
N LYS B 154 -29.95 35.34 -6.19
CA LYS B 154 -28.99 36.42 -6.04
C LYS B 154 -27.53 36.06 -6.35
N THR B 155 -27.19 34.78 -6.39
CA THR B 155 -25.81 34.42 -6.68
C THR B 155 -25.66 33.36 -7.79
N THR B 156 -26.15 32.15 -7.53
CA THR B 156 -26.04 31.07 -8.51
C THR B 156 -26.56 31.46 -9.91
N GLY B 157 -27.77 32.02 -9.93
CA GLY B 157 -28.39 32.44 -11.19
C GLY B 157 -27.56 33.49 -11.93
N PRO B 158 -27.26 34.62 -11.28
CA PRO B 158 -26.45 35.65 -11.92
C PRO B 158 -25.11 35.09 -12.40
N GLU B 159 -24.51 34.19 -11.62
CA GLU B 159 -23.22 33.58 -12.02
C GLU B 159 -23.37 32.81 -13.33
N ILE B 160 -24.46 32.08 -13.44
CA ILE B 160 -24.72 31.31 -14.67
C ILE B 160 -24.98 32.22 -15.84
N TRP B 161 -25.73 33.29 -15.60
CA TRP B 161 -26.05 34.24 -16.66
C TRP B 161 -24.80 34.95 -17.15
N GLU B 162 -24.03 35.46 -16.22
CA GLU B 162 -22.87 36.19 -16.66
C GLU B 162 -21.77 35.28 -17.23
N ASP B 163 -21.52 34.12 -16.61
CA ASP B 163 -20.46 33.21 -17.11
C ASP B 163 -20.76 32.70 -18.53
N THR B 164 -22.03 32.62 -18.90
CA THR B 164 -22.36 32.18 -20.25
C THR B 164 -22.72 33.38 -21.15
N ASP B 165 -22.57 34.60 -20.64
CA ASP B 165 -22.95 35.79 -21.41
C ASP B 165 -24.38 35.62 -21.94
N GLY B 166 -25.25 35.10 -21.09
CA GLY B 166 -26.63 34.91 -21.45
C GLY B 166 -26.92 33.80 -22.45
N GLN B 167 -25.90 33.01 -22.79
CA GLN B 167 -26.09 31.97 -23.80
C GLN B 167 -26.57 30.61 -23.33
N VAL B 168 -26.91 30.52 -22.05
CA VAL B 168 -27.44 29.29 -21.47
C VAL B 168 -28.83 29.06 -22.09
N ASP B 169 -29.10 27.83 -22.55
CA ASP B 169 -30.40 27.50 -23.13
C ASP B 169 -31.22 26.51 -22.29
N VAL B 170 -30.51 25.69 -21.51
CA VAL B 170 -31.15 24.66 -20.70
C VAL B 170 -30.46 24.68 -19.35
N PHE B 171 -31.23 24.51 -18.28
CA PHE B 171 -30.68 24.52 -16.92
C PHE B 171 -31.15 23.25 -16.22
N ILE B 172 -30.20 22.43 -15.78
CA ILE B 172 -30.54 21.17 -15.13
C ILE B 172 -30.16 21.15 -13.66
N SER B 173 -31.13 20.83 -12.81
CA SER B 173 -30.90 20.77 -11.38
C SER B 173 -31.59 19.59 -10.73
N GLY B 174 -30.80 18.73 -10.08
CA GLY B 174 -31.36 17.61 -9.34
C GLY B 174 -32.00 18.27 -8.13
N VAL B 175 -33.26 17.93 -7.84
CA VAL B 175 -34.00 18.53 -6.74
C VAL B 175 -33.98 17.84 -5.38
N GLY B 176 -33.62 18.61 -4.37
CA GLY B 176 -33.62 18.13 -2.99
C GLY B 176 -34.62 19.06 -2.32
N THR B 177 -34.20 20.29 -2.01
CA THR B 177 -35.09 21.28 -1.41
C THR B 177 -35.79 22.01 -2.56
N GLY B 178 -35.16 21.96 -3.74
CA GLY B 178 -35.72 22.66 -4.90
C GLY B 178 -35.30 24.12 -4.99
N GLY B 179 -34.56 24.62 -3.99
CA GLY B 179 -34.16 26.02 -3.99
C GLY B 179 -33.25 26.42 -5.15
N THR B 180 -32.35 25.53 -5.57
CA THR B 180 -31.45 25.86 -6.67
C THR B 180 -32.27 26.02 -7.93
N LEU B 181 -33.09 25.03 -8.23
CA LEU B 181 -33.92 25.11 -9.42
C LEU B 181 -34.80 26.38 -9.40
N THR B 182 -35.48 26.60 -8.28
CA THR B 182 -36.35 27.75 -8.18
C THR B 182 -35.68 29.12 -8.32
N GLY B 183 -34.63 29.36 -7.53
CA GLY B 183 -33.94 30.65 -7.58
C GLY B 183 -33.25 30.94 -8.89
N VAL B 184 -32.53 29.95 -9.43
CA VAL B 184 -31.84 30.18 -10.68
C VAL B 184 -32.86 30.46 -11.77
N THR B 185 -33.92 29.68 -11.80
CA THR B 185 -34.94 29.88 -12.83
C THR B 185 -35.62 31.25 -12.69
N ARG B 186 -35.91 31.67 -11.46
CA ARG B 186 -36.51 32.98 -11.27
C ARG B 186 -35.60 34.06 -11.85
N TYR B 187 -34.30 33.95 -11.58
CA TYR B 187 -33.38 34.96 -12.08
C TYR B 187 -33.34 35.02 -13.61
N ILE B 188 -33.17 33.86 -14.24
CA ILE B 188 -33.01 33.82 -15.70
C ILE B 188 -34.31 34.01 -16.49
N LYS B 189 -35.37 33.29 -16.12
CA LYS B 189 -36.62 33.46 -16.86
C LYS B 189 -37.31 34.74 -16.41
N GLY B 190 -37.16 35.07 -15.13
CA GLY B 190 -37.83 36.23 -14.59
C GLY B 190 -37.09 37.52 -14.75
N THR B 191 -36.09 37.76 -13.92
CA THR B 191 -35.32 38.98 -14.00
C THR B 191 -34.73 39.22 -15.38
N LYS B 192 -34.16 38.20 -16.00
CA LYS B 192 -33.54 38.40 -17.32
C LYS B 192 -34.50 38.21 -18.49
N GLY B 193 -35.73 37.80 -18.19
CA GLY B 193 -36.73 37.65 -19.23
C GLY B 193 -36.59 36.53 -20.25
N LYS B 194 -35.60 35.65 -20.07
CA LYS B 194 -35.38 34.57 -21.03
C LYS B 194 -36.38 33.46 -20.78
N THR B 195 -37.61 33.71 -21.20
CA THR B 195 -38.69 32.78 -21.01
C THR B 195 -38.55 31.42 -21.70
N ASP B 196 -37.74 31.32 -22.75
CA ASP B 196 -37.60 30.02 -23.39
C ASP B 196 -36.46 29.16 -22.83
N LEU B 197 -35.91 29.56 -21.68
CA LEU B 197 -34.89 28.73 -21.03
C LEU B 197 -35.68 27.46 -20.71
N ILE B 198 -35.06 26.29 -20.87
CA ILE B 198 -35.74 25.03 -20.53
C ILE B 198 -35.21 24.58 -19.17
N THR B 199 -36.04 24.66 -18.15
CA THR B 199 -35.64 24.25 -16.82
C THR B 199 -35.97 22.78 -16.62
N VAL B 200 -34.96 22.01 -16.27
CA VAL B 200 -35.13 20.56 -16.09
C VAL B 200 -34.89 20.11 -14.65
N ALA B 201 -35.89 19.48 -14.04
CA ALA B 201 -35.75 18.95 -12.70
C ALA B 201 -35.33 17.50 -12.86
N VAL B 202 -34.39 17.05 -12.03
CA VAL B 202 -33.94 15.67 -12.08
C VAL B 202 -34.31 14.99 -10.76
N GLU B 203 -34.80 13.74 -10.85
CA GLU B 203 -35.18 12.96 -9.66
C GLU B 203 -34.89 11.47 -9.87
N PRO B 204 -34.92 10.67 -8.79
CA PRO B 204 -34.63 9.25 -8.93
C PRO B 204 -35.83 8.55 -9.57
N THR B 205 -35.55 7.62 -10.48
CA THR B 205 -36.63 6.86 -11.11
C THR B 205 -37.46 6.13 -10.05
N ASP B 206 -36.80 5.65 -9.00
CA ASP B 206 -37.48 4.92 -7.92
C ASP B 206 -38.32 5.77 -6.95
N SER B 207 -38.27 7.09 -7.09
CA SER B 207 -39.04 7.96 -6.21
C SER B 207 -39.38 9.23 -7.02
N PRO B 208 -40.12 9.05 -8.12
CA PRO B 208 -40.53 10.13 -9.02
C PRO B 208 -41.69 11.01 -8.58
N VAL B 209 -41.60 11.56 -7.38
CA VAL B 209 -42.69 12.38 -6.88
C VAL B 209 -42.98 13.69 -7.63
N ILE B 210 -41.96 14.26 -8.29
CA ILE B 210 -42.19 15.50 -9.04
C ILE B 210 -42.97 15.16 -10.32
N ALA B 211 -42.60 14.08 -10.99
CA ALA B 211 -43.33 13.68 -12.18
C ALA B 211 -44.77 13.37 -11.74
N GLN B 212 -44.92 12.62 -10.64
CA GLN B 212 -46.23 12.25 -10.09
C GLN B 212 -47.06 13.49 -9.84
N ALA B 213 -46.47 14.44 -9.10
CA ALA B 213 -47.17 15.68 -8.76
C ALA B 213 -47.58 16.46 -10.00
N LEU B 214 -46.68 16.54 -10.98
CA LEU B 214 -47.00 17.28 -12.20
C LEU B 214 -47.99 16.55 -13.09
N ALA B 215 -48.15 15.25 -12.87
CA ALA B 215 -49.09 14.44 -13.65
C ALA B 215 -50.43 14.38 -12.94
N GLY B 216 -50.53 15.03 -11.79
CA GLY B 216 -51.77 15.03 -11.06
C GLY B 216 -52.01 13.75 -10.28
N GLU B 217 -50.97 12.93 -10.19
CA GLU B 217 -51.06 11.67 -9.47
C GLU B 217 -50.78 11.77 -7.99
N GLU B 218 -51.08 10.68 -7.29
CA GLU B 218 -50.86 10.58 -5.85
C GLU B 218 -49.34 10.47 -5.62
N ILE B 219 -48.83 11.18 -4.63
CA ILE B 219 -47.41 11.13 -4.34
C ILE B 219 -47.05 9.85 -3.59
N LYS B 220 -46.24 9.02 -4.23
CA LYS B 220 -45.79 7.76 -3.65
C LYS B 220 -44.28 7.64 -3.83
N PRO B 221 -43.53 7.98 -2.77
CA PRO B 221 -42.07 7.91 -2.84
C PRO B 221 -41.51 6.51 -2.70
N GLY B 222 -40.19 6.38 -2.90
CA GLY B 222 -39.56 5.08 -2.76
C GLY B 222 -38.09 5.25 -2.41
N PRO B 223 -37.44 4.18 -1.93
CA PRO B 223 -36.02 4.23 -1.55
C PRO B 223 -35.19 4.34 -2.82
N HIS B 224 -34.07 5.05 -2.74
CA HIS B 224 -33.18 5.19 -3.91
C HIS B 224 -31.80 5.53 -3.37
N LYS B 225 -30.80 5.54 -4.23
CA LYS B 225 -29.44 5.80 -3.78
C LYS B 225 -28.81 7.11 -4.24
N ILE B 226 -29.60 8.03 -4.80
CA ILE B 226 -29.01 9.28 -5.24
C ILE B 226 -29.03 10.27 -4.07
N GLN B 227 -28.06 10.14 -3.18
CA GLN B 227 -27.99 11.00 -2.00
C GLN B 227 -28.03 12.49 -2.32
N GLY B 228 -28.85 13.21 -1.58
CA GLY B 228 -28.96 14.65 -1.78
C GLY B 228 -30.21 15.09 -2.51
N ILE B 229 -30.78 14.19 -3.31
CA ILE B 229 -32.01 14.55 -4.03
C ILE B 229 -33.11 13.53 -3.72
N GLY B 230 -34.33 13.82 -4.17
CA GLY B 230 -35.43 12.90 -3.98
C GLY B 230 -35.87 12.74 -2.54
N ALA B 231 -36.39 13.83 -1.97
CA ALA B 231 -36.85 13.85 -0.57
C ALA B 231 -38.16 13.07 -0.40
N GLY B 232 -38.81 12.75 -1.50
CA GLY B 232 -40.03 11.97 -1.40
C GLY B 232 -41.29 12.76 -1.21
N PHE B 233 -41.19 14.07 -1.28
CA PHE B 233 -42.35 14.95 -1.16
C PHE B 233 -42.00 16.21 -1.95
N ILE B 234 -42.96 17.11 -2.11
CA ILE B 234 -42.74 18.34 -2.85
C ILE B 234 -42.40 19.47 -1.86
N PRO B 235 -41.11 19.86 -1.79
CA PRO B 235 -40.68 20.93 -0.88
C PRO B 235 -41.36 22.26 -1.16
N GLY B 236 -41.60 23.04 -0.11
CA GLY B 236 -42.18 24.34 -0.33
C GLY B 236 -41.29 25.21 -1.19
N ASN B 237 -39.99 24.91 -1.23
CA ASN B 237 -39.05 25.70 -2.03
C ASN B 237 -38.89 25.28 -3.50
N LEU B 238 -39.73 24.35 -3.93
CA LEU B 238 -39.74 23.85 -5.33
C LEU B 238 -40.97 24.47 -6.00
N ASP B 239 -40.78 25.40 -6.93
CA ASP B 239 -41.93 26.01 -7.60
C ASP B 239 -42.20 25.15 -8.82
N LEU B 240 -43.17 24.25 -8.69
CA LEU B 240 -43.52 23.33 -9.75
C LEU B 240 -43.80 24.00 -11.08
N LYS B 241 -44.34 25.21 -11.04
CA LYS B 241 -44.69 25.92 -12.26
C LYS B 241 -43.50 26.31 -13.14
N LEU B 242 -42.31 26.39 -12.55
CA LEU B 242 -41.10 26.78 -13.27
C LEU B 242 -40.43 25.63 -14.00
N ILE B 243 -40.93 24.42 -13.77
CA ILE B 243 -40.33 23.23 -14.37
C ILE B 243 -40.87 22.91 -15.76
N ASP B 244 -39.95 22.80 -16.72
CA ASP B 244 -40.38 22.49 -18.08
C ASP B 244 -40.30 21.01 -18.39
N LYS B 245 -39.41 20.32 -17.70
CA LYS B 245 -39.25 18.91 -17.97
C LYS B 245 -38.66 18.23 -16.74
N VAL B 246 -39.07 16.98 -16.52
CA VAL B 246 -38.56 16.22 -15.39
C VAL B 246 -37.89 15.00 -15.98
N VAL B 247 -36.66 14.76 -15.56
CA VAL B 247 -35.94 13.57 -16.03
C VAL B 247 -35.65 12.63 -14.85
N GLY B 248 -36.11 11.38 -14.97
CA GLY B 248 -35.89 10.38 -13.94
C GLY B 248 -34.60 9.63 -14.20
N ILE B 249 -33.78 9.46 -13.17
CA ILE B 249 -32.49 8.79 -13.35
C ILE B 249 -32.36 7.58 -12.44
N THR B 250 -31.79 6.49 -12.96
CA THR B 250 -31.64 5.31 -12.12
C THR B 250 -30.37 5.40 -11.27
N ASN B 251 -30.30 4.58 -10.23
CA ASN B 251 -29.13 4.58 -9.36
C ASN B 251 -27.89 4.27 -10.17
N GLU B 252 -28.01 3.30 -11.06
CA GLU B 252 -26.90 2.88 -11.90
C GLU B 252 -26.41 3.99 -12.82
N GLU B 253 -27.35 4.67 -13.46
CA GLU B 253 -26.97 5.76 -14.35
C GLU B 253 -26.23 6.87 -13.57
N ALA B 254 -26.75 7.21 -12.39
CA ALA B 254 -26.14 8.27 -11.58
C ALA B 254 -24.71 7.90 -11.21
N ILE B 255 -24.53 6.68 -10.68
CA ILE B 255 -23.21 6.23 -10.28
C ILE B 255 -22.22 6.12 -11.42
N SER B 256 -22.60 5.44 -12.50
CA SER B 256 -21.67 5.31 -13.61
C SER B 256 -21.30 6.67 -14.23
N THR B 257 -22.25 7.62 -14.26
CA THR B 257 -21.93 8.93 -14.85
C THR B 257 -21.00 9.71 -13.90
N ALA B 258 -21.16 9.54 -12.58
CA ALA B 258 -20.29 10.22 -11.63
C ALA B 258 -18.87 9.68 -11.86
N ARG B 259 -18.76 8.38 -12.10
CA ARG B 259 -17.46 7.77 -12.37
C ARG B 259 -16.88 8.32 -13.65
N ARG B 260 -17.72 8.53 -14.67
CA ARG B 260 -17.19 9.09 -15.91
C ARG B 260 -16.63 10.50 -15.66
N LEU B 261 -17.34 11.29 -14.85
CA LEU B 261 -16.87 12.65 -14.55
C LEU B 261 -15.45 12.60 -13.99
N MET B 262 -15.22 11.69 -13.05
CA MET B 262 -13.88 11.60 -12.46
C MET B 262 -12.81 11.14 -13.44
N GLU B 263 -13.09 10.07 -14.16
CA GLU B 263 -12.12 9.52 -15.08
C GLU B 263 -11.95 10.24 -16.42
N GLU B 264 -13.04 10.75 -16.99
CA GLU B 264 -12.92 11.41 -18.28
C GLU B 264 -12.77 12.91 -18.19
N GLU B 265 -13.14 13.49 -17.06
CA GLU B 265 -13.04 14.95 -16.94
C GLU B 265 -12.19 15.43 -15.76
N GLY B 266 -11.82 14.51 -14.89
CA GLY B 266 -11.03 14.92 -13.75
C GLY B 266 -11.85 15.81 -12.82
N ILE B 267 -13.14 15.55 -12.73
CA ILE B 267 -14.04 16.28 -11.85
C ILE B 267 -14.56 15.31 -10.78
N LEU B 268 -14.22 15.61 -9.52
CA LEU B 268 -14.62 14.78 -8.39
C LEU B 268 -16.08 15.03 -8.10
N ALA B 269 -16.94 14.11 -8.52
CA ALA B 269 -18.36 14.34 -8.34
C ALA B 269 -19.10 13.34 -7.49
N GLY B 270 -20.09 13.84 -6.76
CA GLY B 270 -20.93 12.96 -5.96
C GLY B 270 -21.99 12.31 -6.85
N ILE B 271 -22.72 11.33 -6.31
CA ILE B 271 -23.73 10.63 -7.07
C ILE B 271 -24.79 11.56 -7.69
N SER B 272 -25.27 12.55 -6.95
CA SER B 272 -26.30 13.44 -7.53
C SER B 272 -25.72 14.27 -8.67
N SER B 273 -24.41 14.48 -8.67
CA SER B 273 -23.79 15.24 -9.76
C SER B 273 -23.82 14.32 -11.00
N GLY B 274 -23.58 13.04 -10.76
CA GLY B 274 -23.62 12.08 -11.86
C GLY B 274 -25.05 12.01 -12.40
N ALA B 275 -26.04 12.06 -11.50
CA ALA B 275 -27.45 12.02 -11.92
C ALA B 275 -27.79 13.21 -12.83
N ALA B 276 -27.39 14.40 -12.42
CA ALA B 276 -27.66 15.62 -13.19
C ALA B 276 -27.03 15.56 -14.58
N VAL B 277 -25.79 15.06 -14.64
CA VAL B 277 -25.12 14.99 -15.93
C VAL B 277 -25.73 13.87 -16.79
N ALA B 278 -26.20 12.80 -16.13
CA ALA B 278 -26.83 11.71 -16.87
C ALA B 278 -28.10 12.25 -17.54
N ALA B 279 -28.79 13.16 -16.84
CA ALA B 279 -30.01 13.77 -17.41
C ALA B 279 -29.65 14.57 -18.66
N ALA B 280 -28.51 15.28 -18.61
CA ALA B 280 -28.05 16.06 -19.76
C ALA B 280 -27.80 15.11 -20.94
N LEU B 281 -27.17 13.97 -20.65
CA LEU B 281 -26.90 12.99 -21.69
C LEU B 281 -28.23 12.54 -22.30
N LYS B 282 -29.19 12.23 -21.46
CA LYS B 282 -30.49 11.80 -21.95
C LYS B 282 -31.12 12.84 -22.89
N LEU B 283 -31.08 14.10 -22.49
CA LEU B 283 -31.65 15.16 -23.32
C LEU B 283 -30.94 15.22 -24.67
N GLN B 284 -29.63 15.01 -24.69
CA GLN B 284 -28.91 15.10 -25.96
C GLN B 284 -29.18 13.94 -26.89
N GLU B 285 -30.01 12.99 -26.47
CA GLU B 285 -30.42 11.86 -27.31
C GLU B 285 -31.59 12.37 -28.19
N ASP B 286 -32.07 13.55 -27.84
CA ASP B 286 -33.20 14.18 -28.54
C ASP B 286 -32.66 15.31 -29.41
N GLU B 287 -32.92 15.21 -30.72
CA GLU B 287 -32.45 16.17 -31.72
C GLU B 287 -32.78 17.61 -31.38
N SER B 288 -33.86 17.84 -30.64
CA SER B 288 -34.21 19.23 -30.33
C SER B 288 -33.19 19.85 -29.37
N PHE B 289 -32.41 19.01 -28.69
CA PHE B 289 -31.44 19.56 -27.74
C PHE B 289 -30.00 19.63 -28.25
N THR B 290 -29.76 19.06 -29.42
CA THR B 290 -28.42 18.99 -29.97
C THR B 290 -27.55 20.24 -29.99
N ASN B 291 -28.08 21.41 -30.31
CA ASN B 291 -27.25 22.59 -30.35
C ASN B 291 -27.42 23.52 -29.14
N LYS B 292 -28.10 23.04 -28.09
CA LYS B 292 -28.31 23.92 -26.95
C LYS B 292 -27.19 23.87 -25.91
N ASN B 293 -26.92 25.01 -25.28
CA ASN B 293 -25.93 25.09 -24.22
C ASN B 293 -26.65 24.67 -22.93
N ILE B 294 -26.18 23.58 -22.35
CA ILE B 294 -26.81 23.03 -21.14
C ILE B 294 -25.94 23.29 -19.94
N VAL B 295 -26.50 24.00 -18.95
CA VAL B 295 -25.75 24.27 -17.72
C VAL B 295 -26.31 23.30 -16.68
N VAL B 296 -25.43 22.52 -16.07
CA VAL B 296 -25.85 21.51 -15.10
C VAL B 296 -25.21 21.75 -13.74
N ILE B 297 -25.99 21.72 -12.67
CA ILE B 297 -25.41 21.90 -11.34
C ILE B 297 -24.79 20.59 -10.86
N LEU B 298 -23.56 20.63 -10.34
CA LEU B 298 -22.90 19.42 -9.80
C LEU B 298 -22.91 19.85 -8.34
N PRO B 299 -23.89 19.38 -7.57
CA PRO B 299 -24.06 19.73 -6.16
C PRO B 299 -22.94 19.54 -5.13
N SER B 300 -22.18 18.46 -5.21
CA SER B 300 -21.13 18.19 -4.22
C SER B 300 -20.02 17.29 -4.77
N SER B 301 -18.99 17.05 -3.97
CA SER B 301 -17.87 16.21 -4.36
C SER B 301 -18.05 14.75 -4.02
N GLY B 302 -18.93 14.45 -3.06
CA GLY B 302 -19.13 13.06 -2.67
C GLY B 302 -18.00 12.49 -1.82
N GLU B 303 -17.38 13.35 -0.99
CA GLU B 303 -16.27 12.95 -0.12
C GLU B 303 -16.66 12.80 1.36
N ARG B 304 -15.79 13.34 2.21
CA ARG B 304 -15.92 13.36 3.67
C ARG B 304 -15.80 12.02 4.36
N SER C 1 16.21 1.93 2.57
CA SER C 1 16.73 0.68 3.20
C SER C 1 15.68 -0.41 3.06
N LYS C 2 16.07 -1.65 3.31
CA LYS C 2 15.14 -2.75 3.23
C LYS C 2 15.48 -3.73 4.35
N ILE C 3 15.07 -3.35 5.57
CA ILE C 3 15.30 -4.13 6.78
C ILE C 3 13.94 -4.54 7.32
N TYR C 4 13.70 -5.84 7.43
CA TYR C 4 12.45 -6.35 7.94
C TYR C 4 12.45 -6.33 9.47
N GLU C 5 11.42 -5.73 10.07
CA GLU C 5 11.39 -5.60 11.52
C GLU C 5 11.20 -6.91 12.26
N ASP C 6 10.68 -7.93 11.57
CA ASP C 6 10.62 -9.29 12.10
C ASP C 6 10.42 -10.27 10.96
N ASN C 7 10.63 -11.56 11.21
CA ASN C 7 10.54 -12.56 10.16
C ASN C 7 9.18 -12.69 9.51
N SER C 8 8.12 -12.26 10.20
CA SER C 8 6.77 -12.37 9.62
C SER C 8 6.61 -11.42 8.44
N LEU C 9 7.32 -10.30 8.47
CA LEU C 9 7.23 -9.34 7.37
C LEU C 9 7.96 -9.72 6.08
N THR C 10 8.69 -10.84 6.11
CA THR C 10 9.45 -11.30 4.95
C THR C 10 8.63 -12.20 4.00
N ILE C 11 7.36 -12.42 4.32
CA ILE C 11 6.53 -13.30 3.49
C ILE C 11 6.37 -12.88 2.04
N GLY C 12 6.16 -13.88 1.18
CA GLY C 12 5.88 -13.59 -0.21
C GLY C 12 7.01 -13.21 -1.14
N HIS C 13 6.63 -12.60 -2.27
CA HIS C 13 7.57 -12.22 -3.33
C HIS C 13 8.28 -13.48 -3.80
N THR C 14 7.52 -14.56 -3.89
CA THR C 14 8.07 -15.84 -4.32
C THR C 14 8.29 -15.82 -5.85
N PRO C 15 9.30 -16.57 -6.34
CA PRO C 15 9.61 -16.61 -7.77
C PRO C 15 8.67 -17.42 -8.64
N LEU C 16 8.48 -16.95 -9.87
CA LEU C 16 7.68 -17.61 -10.87
C LEU C 16 8.72 -18.19 -11.84
N VAL C 17 8.76 -19.52 -11.94
CA VAL C 17 9.76 -20.19 -12.77
C VAL C 17 9.14 -20.97 -13.95
N ARG C 18 9.63 -20.73 -15.16
CA ARG C 18 9.14 -21.44 -16.32
C ARG C 18 9.59 -22.91 -16.26
N LEU C 19 8.68 -23.85 -16.45
CA LEU C 19 9.05 -25.24 -16.47
C LEU C 19 9.42 -25.49 -17.94
N ASN C 20 10.62 -26.02 -18.16
CA ASN C 20 11.09 -26.26 -19.51
C ASN C 20 10.96 -27.67 -20.05
N ARG C 21 10.97 -28.66 -19.16
CA ARG C 21 10.87 -30.05 -19.57
C ARG C 21 9.52 -30.67 -19.20
N ILE C 22 8.81 -30.06 -18.25
CA ILE C 22 7.47 -30.55 -17.88
C ILE C 22 6.46 -29.63 -18.58
N GLY C 23 5.66 -30.19 -19.49
CA GLY C 23 4.68 -29.36 -20.18
C GLY C 23 5.25 -28.72 -21.42
N ASN C 24 4.51 -27.80 -22.02
CA ASN C 24 4.94 -27.19 -23.28
C ASN C 24 5.79 -25.94 -23.20
N GLY C 25 6.37 -25.65 -22.04
CA GLY C 25 7.14 -24.41 -21.93
C GLY C 25 6.28 -23.27 -21.40
N ARG C 26 4.97 -23.49 -21.28
CA ARG C 26 4.06 -22.44 -20.80
C ARG C 26 3.57 -22.61 -19.37
N ILE C 27 4.08 -23.62 -18.68
CA ILE C 27 3.68 -23.78 -17.30
C ILE C 27 4.65 -22.94 -16.48
N LEU C 28 4.13 -21.99 -15.72
CA LEU C 28 4.94 -21.09 -14.89
C LEU C 28 4.62 -21.48 -13.42
N ALA C 29 5.63 -21.97 -12.72
CA ALA C 29 5.44 -22.43 -11.35
C ALA C 29 5.82 -21.42 -10.28
N LYS C 30 4.90 -21.15 -9.36
CA LYS C 30 5.17 -20.20 -8.28
C LYS C 30 5.61 -21.01 -7.07
N VAL C 31 6.87 -20.79 -6.69
CA VAL C 31 7.51 -21.55 -5.61
C VAL C 31 7.30 -20.99 -4.21
N GLU C 32 6.23 -21.46 -3.59
CA GLU C 32 5.84 -20.99 -2.28
C GLU C 32 6.69 -21.53 -1.14
N SER C 33 7.61 -22.43 -1.44
CA SER C 33 8.52 -22.92 -0.39
C SER C 33 9.58 -21.85 -0.10
N ARG C 34 9.71 -20.86 -0.96
CA ARG C 34 10.68 -19.80 -0.71
C ARG C 34 9.97 -18.83 0.19
N ASN C 35 9.71 -19.27 1.41
CA ASN C 35 9.01 -18.49 2.41
C ASN C 35 9.51 -18.96 3.77
N PRO C 36 9.28 -18.16 4.82
CA PRO C 36 9.71 -18.60 6.15
C PRO C 36 8.83 -19.83 6.40
N SER C 37 9.40 -20.87 6.98
CA SER C 37 8.68 -22.10 7.30
C SER C 37 8.40 -22.99 6.10
N PHE C 38 8.94 -22.60 4.95
CA PHE C 38 8.86 -23.43 3.74
C PHE C 38 7.53 -23.75 3.08
N SER C 39 6.52 -22.91 3.27
CA SER C 39 5.25 -23.19 2.61
C SER C 39 4.42 -21.94 2.49
N VAL C 40 3.43 -22.02 1.60
CA VAL C 40 2.51 -20.93 1.37
C VAL C 40 1.80 -20.52 2.65
N LYS C 41 1.70 -21.43 3.61
CA LYS C 41 0.98 -21.11 4.86
C LYS C 41 1.55 -19.93 5.67
N CYS C 42 2.80 -19.56 5.40
CA CYS C 42 3.39 -18.45 6.14
C CYS C 42 2.62 -17.15 5.85
N ARG C 43 2.05 -17.03 4.64
CA ARG C 43 1.31 -15.83 4.29
C ARG C 43 0.08 -15.67 5.19
N ILE C 44 -0.63 -16.77 5.46
CA ILE C 44 -1.83 -16.66 6.28
C ILE C 44 -1.50 -16.73 7.78
N GLY C 45 -0.39 -17.38 8.09
CA GLY C 45 0.04 -17.42 9.47
C GLY C 45 0.27 -15.97 9.86
N ALA C 46 0.96 -15.24 8.98
CA ALA C 46 1.26 -13.85 9.24
C ALA C 46 0.02 -12.97 9.22
N ASN C 47 -0.77 -13.04 8.16
CA ASN C 47 -1.91 -12.14 8.07
C ASN C 47 -3.06 -12.37 9.05
N MET C 48 -3.28 -13.61 9.45
CA MET C 48 -4.36 -13.85 10.40
C MET C 48 -3.97 -13.20 11.72
N ILE C 49 -2.68 -13.22 12.03
CA ILE C 49 -2.19 -12.60 13.25
C ILE C 49 -2.22 -11.07 13.09
N TRP C 50 -1.70 -10.55 11.99
CA TRP C 50 -1.72 -9.10 11.80
C TRP C 50 -3.15 -8.59 11.80
N ASP C 51 -4.04 -9.36 11.20
CA ASP C 51 -5.43 -8.96 11.13
C ASP C 51 -6.06 -8.94 12.53
N ALA C 52 -5.75 -9.95 13.34
CA ALA C 52 -6.25 -10.03 14.70
C ALA C 52 -5.73 -8.84 15.51
N GLU C 53 -4.47 -8.47 15.31
CA GLU C 53 -3.90 -7.32 16.00
C GLU C 53 -4.67 -6.07 15.58
N LYS C 54 -4.85 -5.86 14.26
CA LYS C 54 -5.56 -4.68 13.78
C LYS C 54 -6.99 -4.58 14.32
N ARG C 55 -7.66 -5.72 14.47
CA ARG C 55 -9.03 -5.76 14.97
C ARG C 55 -9.07 -5.57 16.49
N GLY C 56 -7.90 -5.54 17.11
CA GLY C 56 -7.86 -5.36 18.55
C GLY C 56 -8.20 -6.59 19.37
N VAL C 57 -8.32 -7.76 18.75
CA VAL C 57 -8.61 -8.97 19.50
C VAL C 57 -7.33 -9.65 19.97
N LEU C 58 -6.24 -9.45 19.23
CA LEU C 58 -4.96 -10.02 19.63
C LEU C 58 -4.18 -8.87 20.22
N LYS C 59 -3.66 -9.07 21.43
CA LYS C 59 -2.90 -8.02 22.10
C LYS C 59 -2.19 -8.64 23.29
N PRO C 60 -1.47 -7.81 24.07
CA PRO C 60 -0.76 -8.35 25.24
C PRO C 60 -1.78 -9.03 26.15
N GLY C 61 -1.54 -10.29 26.49
CA GLY C 61 -2.47 -11.01 27.35
C GLY C 61 -3.25 -12.08 26.61
N VAL C 62 -3.61 -11.83 25.36
CA VAL C 62 -4.36 -12.81 24.58
C VAL C 62 -3.39 -13.86 24.09
N GLU C 63 -3.81 -15.12 24.06
CA GLU C 63 -2.91 -16.14 23.58
C GLU C 63 -3.62 -17.04 22.57
N LEU C 64 -2.84 -17.61 21.63
CA LEU C 64 -3.36 -18.43 20.55
C LEU C 64 -3.51 -19.93 20.81
N VAL C 65 -4.53 -20.53 20.20
CA VAL C 65 -4.81 -21.97 20.30
C VAL C 65 -5.21 -22.39 18.89
N GLU C 66 -4.60 -23.45 18.38
CA GLU C 66 -4.93 -23.91 17.03
C GLU C 66 -4.83 -25.43 16.93
N PRO C 67 -5.80 -26.06 16.23
CA PRO C 67 -5.83 -27.51 16.07
C PRO C 67 -4.77 -27.94 15.05
N THR C 68 -4.39 -26.97 14.24
CA THR C 68 -3.36 -27.12 13.22
C THR C 68 -2.02 -27.61 13.77
N ASN C 69 -1.22 -28.24 12.91
CA ASN C 69 0.07 -28.77 13.30
C ASN C 69 0.82 -29.16 12.03
N GLY C 70 0.14 -28.96 10.90
CA GLY C 70 0.68 -29.24 9.59
C GLY C 70 1.38 -27.98 9.16
N ASN C 71 1.25 -27.59 7.89
CA ASN C 71 1.94 -26.38 7.47
C ASN C 71 1.43 -25.10 8.13
N THR C 72 0.14 -25.06 8.49
CA THR C 72 -0.36 -23.84 9.13
C THR C 72 0.12 -23.69 10.57
N GLY C 73 0.25 -24.82 11.26
CA GLY C 73 0.69 -24.80 12.65
C GLY C 73 2.11 -24.31 12.76
N ILE C 74 2.95 -24.75 11.83
CA ILE C 74 4.35 -24.35 11.80
C ILE C 74 4.43 -22.88 11.48
N ALA C 75 3.59 -22.42 10.56
CA ALA C 75 3.54 -21.03 10.17
C ALA C 75 3.12 -20.18 11.36
N LEU C 76 2.11 -20.64 12.10
CA LEU C 76 1.67 -19.87 13.24
C LEU C 76 2.74 -19.84 14.34
N ALA C 77 3.46 -20.94 14.53
CA ALA C 77 4.49 -20.98 15.56
C ALA C 77 5.61 -19.98 15.25
N TYR C 78 6.07 -19.91 14.00
CA TYR C 78 7.15 -18.96 13.72
C TYR C 78 6.68 -17.52 13.84
N VAL C 79 5.45 -17.22 13.41
CA VAL C 79 4.98 -15.86 13.55
C VAL C 79 4.79 -15.52 15.05
N ALA C 80 4.21 -16.46 15.81
CA ALA C 80 4.00 -16.24 17.24
C ALA C 80 5.34 -15.94 17.94
N ALA C 81 6.35 -16.73 17.62
CA ALA C 81 7.68 -16.58 18.17
C ALA C 81 8.26 -15.22 17.78
N ALA C 82 8.10 -14.85 16.51
CA ALA C 82 8.63 -13.57 16.04
C ALA C 82 7.88 -12.37 16.61
N ARG C 83 6.59 -12.52 16.89
CA ARG C 83 5.83 -11.38 17.39
C ARG C 83 5.47 -11.37 18.86
N GLY C 84 5.94 -12.39 19.60
CA GLY C 84 5.71 -12.42 21.04
C GLY C 84 4.39 -12.91 21.61
N TYR C 85 3.76 -13.88 20.95
CA TYR C 85 2.50 -14.44 21.45
C TYR C 85 2.67 -15.88 21.93
N LYS C 86 1.96 -16.26 22.98
CA LYS C 86 1.99 -17.65 23.44
C LYS C 86 1.11 -18.43 22.46
N LEU C 87 1.51 -19.63 22.12
CA LEU C 87 0.72 -20.39 21.17
C LEU C 87 0.53 -21.80 21.68
N THR C 88 -0.70 -22.30 21.60
CA THR C 88 -0.99 -23.65 22.02
C THR C 88 -1.49 -24.42 20.82
N LEU C 89 -0.79 -25.48 20.47
CA LEU C 89 -1.22 -26.28 19.34
C LEU C 89 -1.75 -27.63 19.79
N THR C 90 -2.98 -27.95 19.39
CA THR C 90 -3.54 -29.25 19.71
C THR C 90 -3.31 -30.12 18.47
N MET C 91 -2.97 -31.39 18.67
CA MET C 91 -2.73 -32.26 17.53
C MET C 91 -2.81 -33.72 17.94
N PRO C 92 -3.43 -34.55 17.10
CA PRO C 92 -3.56 -35.98 17.37
C PRO C 92 -2.17 -36.53 17.66
N GLU C 93 -2.08 -37.34 18.71
CA GLU C 93 -0.82 -37.95 19.14
C GLU C 93 -0.03 -38.69 18.06
N THR C 94 -0.61 -38.81 16.87
CA THR C 94 0.02 -39.53 15.78
C THR C 94 1.18 -38.81 15.09
N MET C 95 1.30 -37.50 15.31
CA MET C 95 2.35 -36.71 14.69
C MET C 95 3.78 -37.17 14.98
N SER C 96 4.64 -37.10 13.97
CA SER C 96 6.04 -37.47 14.07
C SER C 96 6.75 -36.71 15.19
N ILE C 97 7.78 -37.32 15.77
CA ILE C 97 8.51 -36.67 16.85
C ILE C 97 9.22 -35.40 16.40
N GLU C 98 9.92 -35.47 15.27
CA GLU C 98 10.63 -34.30 14.75
C GLU C 98 9.66 -33.14 14.53
N ARG C 99 8.43 -33.48 14.14
CA ARG C 99 7.40 -32.48 13.90
C ARG C 99 7.07 -31.72 15.18
N ARG C 100 6.97 -32.46 16.28
CA ARG C 100 6.67 -31.82 17.56
C ARG C 100 7.92 -31.16 18.14
N LYS C 101 9.08 -31.73 17.87
CA LYS C 101 10.29 -31.11 18.39
C LYS C 101 10.42 -29.76 17.71
N LEU C 102 10.15 -29.71 16.41
CA LEU C 102 10.23 -28.45 15.66
C LEU C 102 9.31 -27.39 16.24
N LEU C 103 8.04 -27.77 16.46
CA LEU C 103 7.04 -26.86 17.03
C LEU C 103 7.43 -26.38 18.44
N LYS C 104 8.00 -27.30 19.21
CA LYS C 104 8.43 -26.95 20.55
C LYS C 104 9.67 -26.04 20.50
N ALA C 105 10.55 -26.30 19.54
CA ALA C 105 11.76 -25.48 19.38
C ALA C 105 11.31 -24.04 19.10
N LEU C 106 10.19 -23.92 18.39
CA LEU C 106 9.63 -22.62 18.08
C LEU C 106 8.88 -22.03 19.27
N GLY C 107 8.84 -22.77 20.38
CA GLY C 107 8.18 -22.26 21.55
C GLY C 107 6.70 -22.58 21.72
N ALA C 108 6.14 -23.36 20.80
CA ALA C 108 4.72 -23.67 20.91
C ALA C 108 4.43 -24.63 22.06
N ASN C 109 3.25 -24.53 22.65
CA ASN C 109 2.85 -25.45 23.71
C ASN C 109 1.99 -26.50 23.02
N LEU C 110 2.43 -27.75 23.08
CA LEU C 110 1.73 -28.85 22.42
C LEU C 110 0.75 -29.63 23.28
N VAL C 111 -0.43 -29.89 22.71
CA VAL C 111 -1.48 -30.66 23.37
C VAL C 111 -1.89 -31.76 22.41
N LEU C 112 -1.56 -33.00 22.77
CA LEU C 112 -1.87 -34.15 21.93
C LEU C 112 -3.25 -34.71 22.21
N THR C 113 -4.00 -34.97 21.15
CA THR C 113 -5.33 -35.54 21.28
C THR C 113 -5.30 -37.00 20.85
N GLU C 114 -6.31 -37.76 21.27
CA GLU C 114 -6.44 -39.18 20.96
C GLU C 114 -6.17 -39.48 19.48
N GLY C 115 -5.09 -40.21 19.24
CA GLY C 115 -4.69 -40.58 17.89
C GLY C 115 -5.81 -41.05 17.00
N ALA C 116 -6.66 -41.94 17.52
CA ALA C 116 -7.77 -42.47 16.75
C ALA C 116 -8.77 -41.39 16.33
N LYS C 117 -9.00 -40.42 17.22
CA LYS C 117 -9.92 -39.33 16.93
C LYS C 117 -9.40 -38.43 15.82
N GLY C 118 -8.10 -38.57 15.54
CA GLY C 118 -7.49 -37.78 14.50
C GLY C 118 -7.67 -36.29 14.69
N MET C 119 -7.61 -35.55 13.59
CA MET C 119 -7.73 -34.10 13.60
C MET C 119 -9.06 -33.64 14.19
N LYS C 120 -10.10 -34.48 14.05
CA LYS C 120 -11.41 -34.11 14.59
C LYS C 120 -11.30 -33.91 16.10
N GLY C 121 -10.41 -34.65 16.74
CA GLY C 121 -10.22 -34.51 18.16
C GLY C 121 -9.54 -33.21 18.52
N ALA C 122 -8.39 -32.96 17.88
CA ALA C 122 -7.64 -31.74 18.13
C ALA C 122 -8.54 -30.52 17.92
N ILE C 123 -9.35 -30.56 16.88
CA ILE C 123 -10.26 -29.46 16.58
C ILE C 123 -11.22 -29.27 17.74
N GLN C 124 -11.71 -30.38 18.29
CA GLN C 124 -12.62 -30.31 19.43
C GLN C 124 -11.85 -29.82 20.64
N LYS C 125 -10.71 -30.45 20.89
CA LYS C 125 -9.85 -30.12 22.02
C LYS C 125 -9.37 -28.66 22.05
N ALA C 126 -9.42 -27.99 20.90
CA ALA C 126 -8.97 -26.60 20.84
C ALA C 126 -10.15 -25.67 21.15
N GLU C 127 -11.32 -26.00 20.61
CA GLU C 127 -12.49 -25.18 20.87
C GLU C 127 -12.87 -25.35 22.32
N GLU C 128 -12.51 -26.50 22.90
CA GLU C 128 -12.78 -26.74 24.31
C GLU C 128 -11.94 -25.74 25.07
N ILE C 129 -10.64 -25.72 24.75
CA ILE C 129 -9.71 -24.81 25.41
C ILE C 129 -10.16 -23.37 25.32
N VAL C 130 -10.40 -22.85 24.11
CA VAL C 130 -10.82 -21.46 24.02
C VAL C 130 -12.14 -21.20 24.73
N ALA C 131 -13.10 -22.11 24.59
CA ALA C 131 -14.40 -21.94 25.25
C ALA C 131 -14.22 -21.83 26.76
N SER C 132 -13.24 -22.59 27.29
CA SER C 132 -12.92 -22.59 28.71
C SER C 132 -12.60 -21.18 29.20
N ASP C 133 -11.97 -20.39 28.35
CA ASP C 133 -11.61 -19.03 28.72
C ASP C 133 -11.56 -18.16 27.48
N PRO C 134 -12.73 -17.90 26.87
CA PRO C 134 -12.98 -17.10 25.67
C PRO C 134 -12.21 -15.78 25.54
N GLN C 135 -11.92 -15.14 26.66
CA GLN C 135 -11.22 -13.86 26.60
C GLN C 135 -9.71 -14.07 26.53
N LYS C 136 -9.23 -15.11 27.20
CA LYS C 136 -7.81 -15.41 27.22
C LYS C 136 -7.33 -16.12 25.95
N TYR C 137 -8.25 -16.81 25.28
CA TYR C 137 -7.90 -17.58 24.10
C TYR C 137 -8.48 -17.12 22.76
N LEU C 138 -7.65 -17.23 21.72
CA LEU C 138 -8.04 -16.86 20.36
C LEU C 138 -7.75 -18.03 19.42
N LEU C 139 -8.80 -18.50 18.77
CA LEU C 139 -8.72 -19.58 17.81
C LEU C 139 -8.81 -18.90 16.47
N LEU C 140 -7.79 -19.02 15.63
CA LEU C 140 -7.84 -18.34 14.35
C LEU C 140 -8.74 -18.96 13.26
N GLN C 141 -8.65 -20.27 13.05
CA GLN C 141 -9.47 -20.97 12.06
C GLN C 141 -9.26 -20.61 10.59
N GLN C 142 -8.21 -21.19 10.04
CA GLN C 142 -7.80 -20.98 8.65
C GLN C 142 -8.86 -21.32 7.59
N PHE C 143 -9.79 -22.20 7.93
CA PHE C 143 -10.80 -22.59 6.95
C PHE C 143 -11.89 -21.58 6.68
N SER C 144 -12.09 -20.64 7.61
CA SER C 144 -13.12 -19.63 7.41
C SER C 144 -12.69 -18.18 7.68
N ASN C 145 -11.50 -17.96 8.25
CA ASN C 145 -11.07 -16.58 8.53
C ASN C 145 -10.80 -15.87 7.20
N PRO C 146 -11.42 -14.71 6.96
CA PRO C 146 -11.24 -13.96 5.72
C PRO C 146 -9.82 -13.45 5.50
N ALA C 147 -9.07 -13.29 6.59
CA ALA C 147 -7.69 -12.80 6.47
C ALA C 147 -6.85 -13.80 5.69
N ASN C 148 -7.37 -15.01 5.53
CA ASN C 148 -6.67 -16.05 4.77
C ASN C 148 -6.71 -15.64 3.29
N PRO C 149 -7.91 -15.65 2.64
CA PRO C 149 -7.91 -15.24 1.23
C PRO C 149 -7.46 -13.79 1.04
N GLU C 150 -7.69 -12.94 2.04
CA GLU C 150 -7.24 -11.55 1.93
C GLU C 150 -5.72 -11.40 1.65
N ILE C 151 -4.88 -12.15 2.34
CA ILE C 151 -3.45 -11.97 2.08
C ILE C 151 -3.10 -12.39 0.64
N HIS C 152 -3.82 -13.36 0.10
CA HIS C 152 -3.54 -13.79 -1.26
C HIS C 152 -4.03 -12.75 -2.24
N GLU C 153 -5.09 -12.04 -1.85
CA GLU C 153 -5.63 -10.99 -2.70
C GLU C 153 -4.67 -9.80 -2.71
N LYS C 154 -3.96 -9.60 -1.59
CA LYS C 154 -3.03 -8.47 -1.43
C LYS C 154 -1.56 -8.74 -1.80
N THR C 155 -1.16 -10.00 -1.88
CA THR C 155 0.23 -10.33 -2.20
C THR C 155 0.39 -11.36 -3.34
N THR C 156 -0.03 -12.60 -3.09
CA THR C 156 0.08 -13.65 -4.11
C THR C 156 -0.47 -13.23 -5.48
N GLY C 157 -1.70 -12.73 -5.47
CA GLY C 157 -2.35 -12.30 -6.71
C GLY C 157 -1.56 -11.21 -7.41
N PRO C 158 -1.29 -10.08 -6.75
CA PRO C 158 -0.51 -9.00 -7.36
C PRO C 158 0.81 -9.52 -7.90
N GLU C 159 1.45 -10.42 -7.14
CA GLU C 159 2.73 -10.97 -7.59
C GLU C 159 2.59 -11.70 -8.94
N ILE C 160 1.53 -12.52 -9.04
CA ILE C 160 1.29 -13.26 -10.26
C ILE C 160 1.02 -12.29 -11.40
N TRP C 161 0.16 -11.31 -11.15
CA TRP C 161 -0.20 -10.32 -12.15
C TRP C 161 1.02 -9.55 -12.67
N GLU C 162 1.84 -9.01 -11.75
CA GLU C 162 3.04 -8.22 -12.11
C GLU C 162 4.15 -9.04 -12.74
N ASP C 163 4.37 -10.23 -12.21
CA ASP C 163 5.44 -11.07 -12.76
C ASP C 163 5.14 -11.51 -14.18
N THR C 164 3.87 -11.68 -14.52
CA THR C 164 3.54 -12.07 -15.90
C THR C 164 3.13 -10.85 -16.76
N ASP C 165 3.27 -9.64 -16.22
CA ASP C 165 2.80 -8.44 -16.92
C ASP C 165 1.36 -8.67 -17.43
N GLY C 166 0.52 -9.26 -16.58
CA GLY C 166 -0.86 -9.51 -16.96
C GLY C 166 -1.06 -10.64 -17.97
N GLN C 167 0.02 -11.30 -18.34
CA GLN C 167 -0.08 -12.38 -19.33
C GLN C 167 -0.46 -13.75 -18.73
N VAL C 168 -1.21 -13.77 -17.66
CA VAL C 168 -1.62 -15.05 -17.07
C VAL C 168 -3.01 -15.44 -17.63
N ASP C 169 -3.07 -16.60 -18.29
CA ASP C 169 -4.34 -17.06 -18.86
C ASP C 169 -5.08 -18.08 -18.03
N VAL C 170 -4.35 -18.89 -17.27
CA VAL C 170 -4.97 -19.95 -16.46
C VAL C 170 -4.26 -19.92 -15.12
N PHE C 171 -5.02 -20.13 -14.04
CA PHE C 171 -4.43 -20.14 -12.71
C PHE C 171 -4.89 -21.41 -12.03
N ILE C 172 -3.91 -22.22 -11.62
CA ILE C 172 -4.18 -23.53 -11.02
C ILE C 172 -3.78 -23.57 -9.55
N SER C 173 -4.72 -23.96 -8.69
CA SER C 173 -4.47 -24.03 -7.26
C SER C 173 -5.06 -25.28 -6.61
N GLY C 174 -4.21 -26.11 -6.01
CA GLY C 174 -4.70 -27.27 -5.27
C GLY C 174 -5.41 -26.67 -4.07
N VAL C 175 -6.62 -27.12 -3.80
CA VAL C 175 -7.39 -26.55 -2.69
C VAL C 175 -7.32 -27.29 -1.35
N GLY C 176 -6.98 -26.53 -0.31
CA GLY C 176 -6.91 -27.01 1.05
C GLY C 176 -7.95 -26.15 1.75
N THR C 177 -7.58 -24.93 2.14
CA THR C 177 -8.52 -24.01 2.76
C THR C 177 -9.26 -23.24 1.67
N GLY C 178 -8.66 -23.20 0.48
CA GLY C 178 -9.26 -22.49 -0.64
C GLY C 178 -8.87 -21.03 -0.69
N GLY C 179 -8.13 -20.56 0.32
CA GLY C 179 -7.76 -19.15 0.35
C GLY C 179 -6.88 -18.65 -0.78
N THR C 180 -5.99 -19.50 -1.26
CA THR C 180 -5.11 -19.08 -2.35
C THR C 180 -5.95 -18.92 -3.60
N LEU C 181 -6.75 -19.94 -3.89
CA LEU C 181 -7.58 -19.88 -5.09
C LEU C 181 -8.50 -18.66 -5.04
N THR C 182 -9.19 -18.51 -3.93
CA THR C 182 -10.14 -17.40 -3.78
C THR C 182 -9.49 -16.02 -3.88
N GLY C 183 -8.44 -15.79 -3.09
CA GLY C 183 -7.80 -14.48 -3.09
C GLY C 183 -7.11 -14.09 -4.39
N VAL C 184 -6.39 -15.04 -4.98
CA VAL C 184 -5.74 -14.73 -6.22
C VAL C 184 -6.79 -14.42 -7.30
N THR C 185 -7.85 -15.22 -7.34
CA THR C 185 -8.87 -15.01 -8.38
C THR C 185 -9.58 -13.67 -8.20
N ARG C 186 -9.91 -13.32 -6.96
CA ARG C 186 -10.55 -12.04 -6.69
C ARG C 186 -9.68 -10.89 -7.18
N TYR C 187 -8.37 -11.03 -7.02
CA TYR C 187 -7.48 -9.97 -7.45
C TYR C 187 -7.40 -9.88 -8.97
N ILE C 188 -7.19 -11.03 -9.63
CA ILE C 188 -7.06 -11.00 -11.07
C ILE C 188 -8.37 -10.82 -11.84
N LYS C 189 -9.40 -11.60 -11.49
CA LYS C 189 -10.68 -11.46 -12.21
C LYS C 189 -11.41 -10.20 -11.75
N GLY C 190 -11.37 -9.95 -10.44
CA GLY C 190 -12.06 -8.80 -9.90
C GLY C 190 -11.33 -7.49 -10.05
N THR C 191 -10.37 -7.26 -9.16
CA THR C 191 -9.61 -6.04 -9.16
C THR C 191 -8.98 -5.66 -10.50
N LYS C 192 -8.44 -6.64 -11.21
CA LYS C 192 -7.81 -6.35 -12.50
C LYS C 192 -8.76 -6.56 -13.68
N GLY C 193 -9.98 -7.01 -13.40
CA GLY C 193 -10.97 -7.21 -14.45
C GLY C 193 -10.69 -8.22 -15.53
N LYS C 194 -9.75 -9.14 -15.29
CA LYS C 194 -9.46 -10.14 -16.32
C LYS C 194 -10.42 -11.30 -16.13
N THR C 195 -11.66 -11.06 -16.54
CA THR C 195 -12.72 -12.06 -16.42
C THR C 195 -12.52 -13.28 -17.26
N ASP C 196 -11.62 -13.25 -18.25
CA ASP C 196 -11.43 -14.46 -19.03
C ASP C 196 -10.33 -15.37 -18.47
N LEU C 197 -9.85 -15.04 -17.27
CA LEU C 197 -8.88 -15.89 -16.59
C LEU C 197 -9.61 -17.20 -16.30
N ILE C 198 -8.94 -18.34 -16.50
CA ILE C 198 -9.56 -19.63 -16.19
C ILE C 198 -9.00 -20.08 -14.86
N THR C 199 -9.84 -20.16 -13.84
CA THR C 199 -9.39 -20.60 -12.52
C THR C 199 -9.68 -22.08 -12.38
N VAL C 200 -8.63 -22.85 -12.09
CA VAL C 200 -8.73 -24.29 -11.93
C VAL C 200 -8.45 -24.75 -10.50
N ALA C 201 -9.41 -25.45 -9.90
CA ALA C 201 -9.24 -26.01 -8.57
C ALA C 201 -8.75 -27.43 -8.74
N VAL C 202 -7.76 -27.82 -7.93
CA VAL C 202 -7.25 -29.20 -8.01
C VAL C 202 -7.60 -29.95 -6.71
N GLU C 203 -8.00 -31.21 -6.83
CA GLU C 203 -8.36 -32.02 -5.65
C GLU C 203 -8.05 -33.49 -5.90
N PRO C 204 -8.01 -34.32 -4.84
CA PRO C 204 -7.71 -35.75 -5.00
C PRO C 204 -8.88 -36.45 -5.66
N THR C 205 -8.59 -37.35 -6.59
CA THR C 205 -9.64 -38.11 -7.25
C THR C 205 -10.41 -38.92 -6.19
N ASP C 206 -9.73 -39.33 -5.13
CA ASP C 206 -10.37 -40.12 -4.08
C ASP C 206 -11.19 -39.34 -3.05
N SER C 207 -11.25 -38.02 -3.17
CA SER C 207 -12.04 -37.21 -2.23
C SER C 207 -12.41 -35.93 -2.98
N PRO C 208 -13.13 -36.08 -4.10
CA PRO C 208 -13.58 -35.01 -5.00
C PRO C 208 -14.79 -34.20 -4.56
N VAL C 209 -14.75 -33.65 -3.35
CA VAL C 209 -15.88 -32.90 -2.84
C VAL C 209 -16.20 -31.58 -3.58
N ILE C 210 -15.22 -30.98 -4.24
CA ILE C 210 -15.50 -29.75 -4.97
C ILE C 210 -16.27 -30.08 -6.23
N ALA C 211 -15.85 -31.15 -6.92
CA ALA C 211 -16.53 -31.58 -8.13
C ALA C 211 -17.94 -32.03 -7.71
N GLN C 212 -18.05 -32.70 -6.56
CA GLN C 212 -19.35 -33.16 -6.07
C GLN C 212 -20.20 -31.93 -5.81
N ALA C 213 -19.66 -31.00 -5.03
CA ALA C 213 -20.39 -29.78 -4.68
C ALA C 213 -20.87 -29.05 -5.92
N LEU C 214 -19.97 -28.82 -6.86
CA LEU C 214 -20.34 -28.11 -8.08
C LEU C 214 -21.38 -28.87 -8.92
N ALA C 215 -21.40 -30.19 -8.82
CA ALA C 215 -22.35 -30.99 -9.59
C ALA C 215 -23.68 -31.16 -8.85
N GLY C 216 -23.79 -30.59 -7.67
CA GLY C 216 -25.01 -30.70 -6.90
C GLY C 216 -25.21 -32.08 -6.29
N GLU C 217 -24.13 -32.85 -6.22
CA GLU C 217 -24.20 -34.18 -5.66
C GLU C 217 -23.88 -34.10 -4.17
N GLU C 218 -24.11 -35.20 -3.46
CA GLU C 218 -23.86 -35.24 -2.04
C GLU C 218 -22.34 -35.27 -1.79
N ILE C 219 -21.90 -34.62 -0.72
CA ILE C 219 -20.48 -34.56 -0.37
C ILE C 219 -20.04 -35.87 0.26
N LYS C 220 -19.14 -36.59 -0.41
CA LYS C 220 -18.65 -37.85 0.10
C LYS C 220 -17.12 -37.93 -0.01
N PRO C 221 -16.42 -37.51 1.04
CA PRO C 221 -14.95 -37.53 1.03
C PRO C 221 -14.38 -38.92 1.12
N GLY C 222 -13.07 -39.03 0.93
CA GLY C 222 -12.39 -40.31 1.03
C GLY C 222 -10.93 -40.07 1.39
N PRO C 223 -10.21 -41.11 1.84
CA PRO C 223 -8.80 -40.96 2.22
C PRO C 223 -7.93 -40.84 0.99
N HIS C 224 -6.89 -40.02 1.08
CA HIS C 224 -5.96 -39.82 -0.04
C HIS C 224 -4.59 -39.47 0.51
N LYS C 225 -3.60 -39.42 -0.38
CA LYS C 225 -2.21 -39.14 -0.01
C LYS C 225 -1.68 -37.74 -0.35
N ILE C 226 -2.51 -36.88 -0.94
CA ILE C 226 -2.03 -35.55 -1.31
C ILE C 226 -2.08 -34.55 -0.16
N GLN C 227 -1.14 -34.67 0.76
CA GLN C 227 -1.05 -33.81 1.93
C GLN C 227 -1.17 -32.33 1.59
N GLY C 228 -2.00 -31.62 2.35
CA GLY C 228 -2.18 -30.20 2.12
C GLY C 228 -3.49 -29.85 1.44
N ILE C 229 -4.00 -30.73 0.59
CA ILE C 229 -5.26 -30.45 -0.08
C ILE C 229 -6.30 -31.53 0.22
N GLY C 230 -7.53 -31.30 -0.22
CA GLY C 230 -8.59 -32.28 -0.02
C GLY C 230 -8.99 -32.49 1.44
N ALA C 231 -9.57 -31.45 2.04
CA ALA C 231 -9.99 -31.52 3.43
C ALA C 231 -11.28 -32.35 3.63
N GLY C 232 -11.93 -32.73 2.54
CA GLY C 232 -13.14 -33.53 2.66
C GLY C 232 -14.44 -32.75 2.77
N PHE C 233 -14.36 -31.43 2.69
CA PHE C 233 -15.56 -30.57 2.76
C PHE C 233 -15.25 -29.28 2.03
N ILE C 234 -16.24 -28.40 1.91
CA ILE C 234 -16.07 -27.12 1.25
C ILE C 234 -15.79 -26.07 2.31
N PRO C 235 -14.54 -25.53 2.34
CA PRO C 235 -14.17 -24.51 3.33
C PRO C 235 -14.87 -23.19 3.10
N GLY C 236 -15.08 -22.44 4.18
CA GLY C 236 -15.70 -21.14 4.02
C GLY C 236 -14.86 -20.21 3.16
N ASN C 237 -13.55 -20.46 3.15
CA ASN C 237 -12.62 -19.62 2.39
C ASN C 237 -12.50 -20.02 0.90
N LEU C 238 -13.31 -20.98 0.46
CA LEU C 238 -13.31 -21.41 -0.96
C LEU C 238 -14.59 -20.85 -1.57
N ASP C 239 -14.48 -19.92 -2.51
CA ASP C 239 -15.67 -19.37 -3.16
C ASP C 239 -15.91 -20.18 -4.42
N LEU C 240 -16.80 -21.16 -4.33
CA LEU C 240 -17.10 -22.03 -5.47
C LEU C 240 -17.45 -21.28 -6.74
N LYS C 241 -18.00 -20.06 -6.62
CA LYS C 241 -18.40 -19.27 -7.78
C LYS C 241 -17.23 -18.84 -8.65
N LEU C 242 -16.03 -18.80 -8.07
CA LEU C 242 -14.84 -18.37 -8.80
C LEU C 242 -14.17 -19.49 -9.60
N ILE C 243 -14.62 -20.71 -9.41
CA ILE C 243 -14.03 -21.88 -10.07
C ILE C 243 -14.55 -22.16 -11.46
N ASP C 244 -13.65 -22.22 -12.44
CA ASP C 244 -14.06 -22.49 -13.81
C ASP C 244 -13.94 -23.94 -14.16
N LYS C 245 -13.02 -24.62 -13.50
CA LYS C 245 -12.81 -26.03 -13.80
C LYS C 245 -12.19 -26.71 -12.59
N VAL C 246 -12.50 -27.98 -12.39
CA VAL C 246 -11.95 -28.76 -11.29
C VAL C 246 -11.26 -29.95 -11.89
N VAL C 247 -10.00 -30.18 -11.49
CA VAL C 247 -9.24 -31.31 -12.00
C VAL C 247 -8.93 -32.26 -10.85
N GLY C 248 -9.30 -33.53 -11.01
CA GLY C 248 -9.05 -34.53 -9.98
C GLY C 248 -7.74 -35.20 -10.31
N ILE C 249 -6.88 -35.37 -9.31
CA ILE C 249 -5.58 -35.99 -9.53
C ILE C 249 -5.42 -37.23 -8.64
N THR C 250 -4.76 -38.27 -9.13
CA THR C 250 -4.58 -39.49 -8.33
C THR C 250 -3.34 -39.36 -7.47
N ASN C 251 -3.23 -40.19 -6.42
CA ASN C 251 -2.05 -40.11 -5.57
C ASN C 251 -0.82 -40.37 -6.39
N GLU C 252 -0.93 -41.31 -7.32
CA GLU C 252 0.20 -41.67 -8.16
C GLU C 252 0.65 -40.57 -9.12
N GLU C 253 -0.30 -39.87 -9.71
CA GLU C 253 0.05 -38.79 -10.63
C GLU C 253 0.76 -37.68 -9.88
N ALA C 254 0.26 -37.38 -8.68
CA ALA C 254 0.83 -36.32 -7.84
C ALA C 254 2.30 -36.62 -7.49
N ILE C 255 2.52 -37.82 -6.95
CA ILE C 255 3.86 -38.25 -6.56
C ILE C 255 4.80 -38.32 -7.74
N SER C 256 4.37 -38.94 -8.82
CA SER C 256 5.28 -39.04 -9.97
C SER C 256 5.60 -37.66 -10.53
N THR C 257 4.63 -36.75 -10.53
CA THR C 257 4.91 -35.42 -11.08
C THR C 257 5.83 -34.63 -10.14
N ALA C 258 5.67 -34.80 -8.83
CA ALA C 258 6.55 -34.12 -7.89
C ALA C 258 7.99 -34.59 -8.14
N ARG C 259 8.17 -35.88 -8.43
CA ARG C 259 9.50 -36.40 -8.71
C ARG C 259 10.05 -35.81 -10.00
N ARG C 260 9.19 -35.66 -11.01
CA ARG C 260 9.64 -35.04 -12.27
C ARG C 260 10.14 -33.61 -11.97
N LEU C 261 9.42 -32.90 -11.13
CA LEU C 261 9.82 -31.51 -10.83
C LEU C 261 11.27 -31.49 -10.31
N MET C 262 11.68 -32.41 -9.45
CA MET C 262 13.07 -32.38 -8.99
C MET C 262 14.03 -32.88 -10.06
N GLU C 263 13.68 -34.00 -10.68
CA GLU C 263 14.59 -34.55 -11.66
C GLU C 263 14.74 -33.79 -12.97
N GLU C 264 13.65 -33.23 -13.47
CA GLU C 264 13.69 -32.53 -14.74
C GLU C 264 13.84 -31.01 -14.62
N GLU C 265 13.49 -30.44 -13.48
CA GLU C 265 13.56 -28.98 -13.32
C GLU C 265 14.39 -28.50 -12.13
N GLY C 266 14.86 -29.41 -11.30
CA GLY C 266 15.63 -28.95 -10.14
C GLY C 266 14.78 -28.15 -9.15
N ILE C 267 13.49 -28.48 -9.05
CA ILE C 267 12.58 -27.81 -8.11
C ILE C 267 12.16 -28.86 -7.06
N LEU C 268 12.51 -28.66 -5.78
CA LEU C 268 12.17 -29.62 -4.71
C LEU C 268 10.72 -29.39 -4.30
N ALA C 269 9.82 -30.23 -4.77
CA ALA C 269 8.41 -30.02 -4.53
C ALA C 269 7.64 -31.05 -3.72
N GLY C 270 6.67 -30.57 -2.95
CA GLY C 270 5.86 -31.48 -2.18
C GLY C 270 4.83 -32.17 -3.08
N ILE C 271 4.15 -33.15 -2.51
CA ILE C 271 3.16 -33.92 -3.25
C ILE C 271 2.03 -33.07 -3.82
N SER C 272 1.55 -32.08 -3.07
CA SER C 272 0.46 -31.24 -3.61
C SER C 272 0.97 -30.38 -4.79
N SER C 273 2.27 -30.09 -4.81
CA SER C 273 2.86 -29.31 -5.90
C SER C 273 2.87 -30.20 -7.12
N GLY C 274 3.17 -31.48 -6.91
CA GLY C 274 3.15 -32.44 -7.99
C GLY C 274 1.72 -32.53 -8.52
N ALA C 275 0.74 -32.56 -7.63
CA ALA C 275 -0.66 -32.64 -8.05
C ALA C 275 -1.07 -31.43 -8.90
N ALA C 276 -0.68 -30.24 -8.46
CA ALA C 276 -1.07 -29.04 -9.20
C ALA C 276 -0.43 -29.04 -10.59
N VAL C 277 0.83 -29.44 -10.69
CA VAL C 277 1.49 -29.45 -11.98
C VAL C 277 0.90 -30.57 -12.85
N ALA C 278 0.45 -31.65 -12.23
CA ALA C 278 -0.15 -32.75 -12.98
C ALA C 278 -1.44 -32.24 -13.63
N ALA C 279 -2.12 -31.33 -12.93
CA ALA C 279 -3.36 -30.78 -13.46
C ALA C 279 -3.06 -29.92 -14.69
N ALA C 280 -1.96 -29.17 -14.63
CA ALA C 280 -1.54 -28.36 -15.77
C ALA C 280 -1.30 -29.27 -16.98
N LEU C 281 -0.63 -30.39 -16.74
CA LEU C 281 -0.35 -31.31 -17.84
C LEU C 281 -1.64 -31.86 -18.42
N LYS C 282 -2.59 -32.20 -17.57
CA LYS C 282 -3.86 -32.71 -18.07
C LYS C 282 -4.53 -31.66 -18.95
N LEU C 283 -4.60 -30.41 -18.49
CA LEU C 283 -5.22 -29.37 -19.31
C LEU C 283 -4.52 -29.21 -20.65
N GLN C 284 -3.19 -29.34 -20.66
CA GLN C 284 -2.47 -29.18 -21.93
C GLN C 284 -2.74 -30.29 -22.94
N GLU C 285 -3.50 -31.30 -22.56
CA GLU C 285 -3.87 -32.37 -23.49
C GLU C 285 -5.07 -31.88 -24.30
N ASP C 286 -5.69 -30.80 -23.83
CA ASP C 286 -6.86 -30.19 -24.47
C ASP C 286 -6.38 -29.01 -25.33
N GLU C 287 -6.61 -29.09 -26.64
CA GLU C 287 -6.16 -28.07 -27.59
C GLU C 287 -6.54 -26.64 -27.23
N SER C 288 -7.59 -26.44 -26.46
CA SER C 288 -7.97 -25.07 -26.14
C SER C 288 -6.97 -24.45 -25.15
N PHE C 289 -6.17 -25.29 -24.51
CA PHE C 289 -5.20 -24.79 -23.54
C PHE C 289 -3.78 -24.69 -24.06
N THR C 290 -3.55 -25.22 -25.26
CA THR C 290 -2.23 -25.25 -25.85
C THR C 290 -1.33 -24.02 -25.88
N ASN C 291 -1.89 -22.82 -26.07
CA ASN C 291 -1.05 -21.65 -26.13
C ASN C 291 -1.29 -20.67 -24.99
N LYS C 292 -1.88 -21.17 -23.91
CA LYS C 292 -2.19 -20.35 -22.75
C LYS C 292 -1.06 -20.40 -21.73
N ASN C 293 -0.78 -19.29 -21.08
CA ASN C 293 0.25 -19.29 -20.04
C ASN C 293 -0.47 -19.72 -18.76
N ILE C 294 0.01 -20.82 -18.18
CA ILE C 294 -0.59 -21.38 -16.99
C ILE C 294 0.25 -21.11 -15.76
N VAL C 295 -0.31 -20.41 -14.78
CA VAL C 295 0.42 -20.16 -13.56
C VAL C 295 -0.05 -21.22 -12.55
N VAL C 296 0.90 -21.96 -11.94
CA VAL C 296 0.54 -23.01 -10.99
C VAL C 296 1.22 -22.81 -9.65
N ILE C 297 0.46 -22.87 -8.56
CA ILE C 297 1.05 -22.69 -7.25
C ILE C 297 1.70 -24.00 -6.81
N LEU C 298 2.97 -23.95 -6.33
CA LEU C 298 3.66 -25.12 -5.76
C LEU C 298 3.67 -24.73 -4.27
N PRO C 299 2.70 -25.22 -3.51
CA PRO C 299 2.57 -24.88 -2.09
C PRO C 299 3.71 -25.08 -1.10
N SER C 300 4.47 -26.16 -1.24
CA SER C 300 5.50 -26.38 -0.26
C SER C 300 6.59 -27.25 -0.83
N SER C 301 7.66 -27.40 -0.07
CA SER C 301 8.80 -28.21 -0.50
C SER C 301 8.46 -29.66 -0.23
N GLY C 302 7.38 -29.85 0.49
CA GLY C 302 6.89 -31.17 0.78
C GLY C 302 6.86 -31.43 2.25
N GLU C 303 8.00 -31.99 2.64
CA GLU C 303 8.34 -32.42 3.98
C GLU C 303 9.55 -33.20 3.45
N ARG C 304 9.39 -33.55 2.18
CA ARG C 304 10.30 -34.27 1.29
C ARG C 304 9.57 -35.41 0.57
N SER D 1 -17.46 36.09 -21.39
CA SER D 1 -17.91 34.80 -20.76
C SER D 1 -16.81 34.31 -19.84
N LYS D 2 -17.15 33.34 -18.98
CA LYS D 2 -16.17 32.77 -18.07
C LYS D 2 -16.44 31.27 -17.99
N ILE D 3 -16.04 30.56 -19.04
CA ILE D 3 -16.21 29.10 -19.14
C ILE D 3 -14.79 28.49 -19.19
N TYR D 4 -14.51 27.61 -18.23
CA TYR D 4 -13.20 26.97 -18.16
C TYR D 4 -13.18 25.77 -19.11
N GLU D 5 -12.19 25.72 -19.99
CA GLU D 5 -12.13 24.63 -20.97
C GLU D 5 -11.87 23.26 -20.37
N ASP D 6 -11.31 23.21 -19.17
CA ASP D 6 -11.18 21.95 -18.41
C ASP D 6 -10.96 22.29 -16.94
N ASN D 7 -11.09 21.29 -16.06
CA ASN D 7 -10.98 21.52 -14.64
C ASN D 7 -9.61 22.03 -14.17
N SER D 8 -8.55 21.80 -14.97
CA SER D 8 -7.23 22.24 -14.55
C SER D 8 -7.14 23.76 -14.58
N LEU D 9 -7.91 24.40 -15.46
CA LEU D 9 -7.88 25.85 -15.56
C LEU D 9 -8.61 26.59 -14.46
N THR D 10 -9.28 25.87 -13.58
CA THR D 10 -10.05 26.48 -12.48
C THR D 10 -9.21 26.72 -11.22
N ILE D 11 -7.93 26.37 -11.25
CA ILE D 11 -7.08 26.53 -10.08
C ILE D 11 -6.96 27.95 -9.53
N GLY D 12 -6.75 28.02 -8.22
CA GLY D 12 -6.50 29.31 -7.60
C GLY D 12 -7.66 30.25 -7.29
N HIS D 13 -7.32 31.53 -7.10
CA HIS D 13 -8.29 32.55 -6.73
C HIS D 13 -8.96 32.14 -5.45
N THR D 14 -8.16 31.57 -4.55
CA THR D 14 -8.67 31.10 -3.27
C THR D 14 -8.92 32.29 -2.34
N PRO D 15 -9.92 32.20 -1.45
CA PRO D 15 -10.24 33.29 -0.53
C PRO D 15 -9.28 33.52 0.63
N LEU D 16 -9.15 34.79 1.01
CA LEU D 16 -8.31 35.23 2.11
C LEU D 16 -9.34 35.60 3.22
N VAL D 17 -9.35 34.86 4.31
CA VAL D 17 -10.33 35.08 5.38
C VAL D 17 -9.70 35.55 6.69
N ARG D 18 -10.22 36.65 7.24
CA ARG D 18 -9.72 37.15 8.51
C ARG D 18 -10.11 36.19 9.65
N LEU D 19 -9.15 35.80 10.48
CA LEU D 19 -9.47 34.95 11.61
C LEU D 19 -9.87 35.93 12.71
N ASN D 20 -11.02 35.72 13.31
CA ASN D 20 -11.51 36.64 14.33
C ASN D 20 -11.28 36.24 15.78
N ARG D 21 -11.19 34.96 16.05
CA ARG D 21 -10.99 34.53 17.41
C ARG D 21 -9.55 34.06 17.56
N ILE D 22 -9.02 33.44 16.50
CA ILE D 22 -7.67 32.92 16.60
C ILE D 22 -6.69 34.06 16.30
N GLY D 23 -5.92 34.47 17.29
CA GLY D 23 -4.98 35.56 17.04
C GLY D 23 -5.61 36.94 17.28
N ASN D 24 -4.90 37.99 16.89
CA ASN D 24 -5.36 39.34 17.17
C ASN D 24 -6.23 40.02 16.13
N GLY D 25 -6.83 39.27 15.23
CA GLY D 25 -7.68 39.88 14.22
C GLY D 25 -6.87 40.20 12.97
N ARG D 26 -5.55 40.03 13.05
CA ARG D 26 -4.69 40.31 11.89
C ARG D 26 -4.16 39.09 11.16
N ILE D 27 -4.59 37.90 11.56
CA ILE D 27 -4.15 36.73 10.83
C ILE D 27 -5.16 36.57 9.68
N LEU D 28 -4.65 36.54 8.45
CA LEU D 28 -5.50 36.39 7.26
C LEU D 28 -5.14 35.02 6.66
N ALA D 29 -6.11 34.12 6.63
CA ALA D 29 -5.87 32.75 6.17
C ALA D 29 -6.28 32.52 4.74
N LYS D 30 -5.36 31.99 3.95
CA LYS D 30 -5.65 31.72 2.54
C LYS D 30 -6.03 30.24 2.43
N VAL D 31 -7.28 30.01 2.06
CA VAL D 31 -7.88 28.67 2.01
C VAL D 31 -7.65 27.92 0.72
N GLU D 32 -6.55 27.19 0.70
CA GLU D 32 -6.15 26.45 -0.48
C GLU D 32 -6.97 25.18 -0.72
N SER D 33 -7.87 24.84 0.20
CA SER D 33 -8.72 23.65 -0.05
C SER D 33 -9.83 24.05 -1.05
N ARG D 34 -10.00 25.35 -1.28
CA ARG D 34 -10.99 25.87 -2.26
C ARG D 34 -10.37 25.80 -3.67
N ASN D 35 -9.93 24.60 -4.05
CA ASN D 35 -9.24 24.41 -5.31
C ASN D 35 -9.79 23.08 -5.84
N PRO D 36 -9.54 22.77 -7.13
CA PRO D 36 -10.03 21.47 -7.62
C PRO D 36 -9.11 20.49 -6.88
N SER D 37 -9.63 19.34 -6.47
CA SER D 37 -8.85 18.35 -5.73
C SER D 37 -8.57 18.79 -4.28
N PHE D 38 -9.01 19.99 -3.92
CA PHE D 38 -8.96 20.47 -2.54
C PHE D 38 -7.68 20.75 -1.80
N SER D 39 -6.63 21.13 -2.53
CA SER D 39 -5.43 21.50 -1.82
C SER D 39 -4.61 22.39 -2.71
N VAL D 40 -3.62 23.04 -2.11
CA VAL D 40 -2.72 23.90 -2.82
C VAL D 40 -2.03 23.18 -4.00
N LYS D 41 -1.90 21.86 -3.91
CA LYS D 41 -1.20 21.14 -4.97
C LYS D 41 -1.87 21.18 -6.35
N CYS D 42 -3.16 21.50 -6.42
CA CYS D 42 -3.78 21.55 -7.75
C CYS D 42 -3.02 22.55 -8.60
N ARG D 43 -2.46 23.56 -7.96
CA ARG D 43 -1.75 24.59 -8.70
C ARG D 43 -0.49 24.02 -9.40
N ILE D 44 0.26 23.17 -8.70
CA ILE D 44 1.48 22.63 -9.32
C ILE D 44 1.17 21.41 -10.18
N GLY D 45 0.10 20.70 -9.84
CA GLY D 45 -0.28 19.56 -10.62
C GLY D 45 -0.58 20.13 -12.01
N ALA D 46 -1.33 21.24 -12.02
CA ALA D 46 -1.68 21.89 -13.27
C ALA D 46 -0.48 22.48 -13.99
N ASN D 47 0.29 23.34 -13.31
CA ASN D 47 1.40 23.98 -13.99
C ASN D 47 2.58 23.12 -14.41
N MET D 48 2.87 22.04 -13.69
CA MET D 48 3.98 21.20 -14.12
C MET D 48 3.57 20.54 -15.43
N ILE D 49 2.29 20.23 -15.56
CA ILE D 49 1.78 19.61 -16.79
C ILE D 49 1.73 20.65 -17.92
N TRP D 50 1.19 21.83 -17.64
CA TRP D 50 1.13 22.87 -18.67
C TRP D 50 2.53 23.25 -19.12
N ASP D 51 3.46 23.31 -18.16
CA ASP D 51 4.83 23.65 -18.46
C ASP D 51 5.47 22.56 -19.35
N ALA D 52 5.22 21.30 -19.02
CA ALA D 52 5.77 20.20 -19.81
C ALA D 52 5.21 20.26 -21.23
N GLU D 53 3.93 20.58 -21.35
CA GLU D 53 3.32 20.71 -22.68
C GLU D 53 4.01 21.86 -23.45
N LYS D 54 4.19 23.02 -22.81
CA LYS D 54 4.82 24.14 -23.47
C LYS D 54 6.26 23.84 -23.90
N ARG D 55 6.98 23.07 -23.10
CA ARG D 55 8.36 22.70 -23.43
C ARG D 55 8.42 21.62 -24.50
N GLY D 56 7.26 21.09 -24.88
CA GLY D 56 7.23 20.06 -25.89
C GLY D 56 7.63 18.67 -25.42
N VAL D 57 7.82 18.46 -24.12
CA VAL D 57 8.20 17.13 -23.63
C VAL D 57 6.93 16.29 -23.36
N LEU D 58 5.84 16.95 -23.03
CA LEU D 58 4.59 16.24 -22.80
C LEU D 58 3.76 16.44 -24.05
N LYS D 59 3.28 15.34 -24.61
CA LYS D 59 2.49 15.41 -25.82
C LYS D 59 1.80 14.07 -26.02
N PRO D 60 0.85 14.00 -26.98
CA PRO D 60 0.19 12.71 -27.16
C PRO D 60 1.26 11.62 -27.39
N GLY D 61 1.04 10.47 -26.78
CA GLY D 61 2.02 9.39 -26.88
C GLY D 61 2.82 9.33 -25.59
N VAL D 62 3.05 10.48 -24.96
CA VAL D 62 3.83 10.51 -23.73
C VAL D 62 2.98 10.33 -22.48
N GLU D 63 3.45 9.53 -21.53
CA GLU D 63 2.68 9.31 -20.30
C GLU D 63 3.41 9.84 -19.07
N LEU D 64 2.67 10.08 -18.00
CA LEU D 64 3.23 10.57 -16.76
C LEU D 64 3.40 9.43 -15.76
N VAL D 65 4.43 9.53 -14.93
CA VAL D 65 4.66 8.53 -13.92
C VAL D 65 5.22 9.33 -12.73
N GLU D 66 4.73 9.06 -11.52
CA GLU D 66 5.16 9.85 -10.38
C GLU D 66 5.18 9.08 -9.06
N PRO D 67 6.27 9.20 -8.30
CA PRO D 67 6.32 8.49 -7.01
C PRO D 67 5.55 9.33 -5.99
N THR D 68 4.25 9.48 -6.22
CA THR D 68 3.44 10.32 -5.36
C THR D 68 2.03 9.80 -5.10
N ASN D 69 1.65 9.78 -3.83
CA ASN D 69 0.37 9.25 -3.35
C ASN D 69 -0.46 10.23 -2.51
N GLY D 70 0.08 11.41 -2.24
CA GLY D 70 -0.65 12.37 -1.43
C GLY D 70 -1.31 13.45 -2.26
N ASN D 71 -1.35 14.68 -1.72
CA ASN D 71 -2.01 15.77 -2.43
C ASN D 71 -1.49 16.02 -3.83
N THR D 72 -0.19 15.87 -4.03
CA THR D 72 0.31 16.10 -5.37
C THR D 72 -0.13 14.99 -6.31
N GLY D 73 -0.29 13.78 -5.77
CA GLY D 73 -0.75 12.69 -6.61
C GLY D 73 -2.19 12.91 -7.05
N ILE D 74 -3.03 13.34 -6.11
CA ILE D 74 -4.42 13.59 -6.42
C ILE D 74 -4.47 14.73 -7.44
N ALA D 75 -3.62 15.73 -7.27
CA ALA D 75 -3.61 16.86 -8.21
C ALA D 75 -3.21 16.41 -9.62
N LEU D 76 -2.08 15.71 -9.74
CA LEU D 76 -1.65 15.23 -11.06
C LEU D 76 -2.76 14.34 -11.63
N ALA D 77 -3.40 13.56 -10.77
CA ALA D 77 -4.49 12.69 -11.21
C ALA D 77 -5.65 13.49 -11.80
N TYR D 78 -6.12 14.52 -11.09
CA TYR D 78 -7.25 15.28 -11.65
C TYR D 78 -6.82 16.00 -12.95
N VAL D 79 -5.64 16.59 -12.98
CA VAL D 79 -5.22 17.25 -14.20
C VAL D 79 -4.99 16.28 -15.39
N ALA D 80 -4.37 15.13 -15.14
CA ALA D 80 -4.14 14.19 -16.25
C ALA D 80 -5.50 13.72 -16.80
N ALA D 81 -6.48 13.58 -15.93
CA ALA D 81 -7.81 13.14 -16.39
C ALA D 81 -8.49 14.21 -17.25
N ALA D 82 -8.36 15.47 -16.82
CA ALA D 82 -8.98 16.60 -17.50
C ALA D 82 -8.34 16.90 -18.84
N ARG D 83 -7.03 16.68 -18.93
CA ARG D 83 -6.32 16.98 -20.15
C ARG D 83 -6.00 15.78 -21.02
N GLY D 84 -6.45 14.61 -20.59
CA GLY D 84 -6.26 13.40 -21.37
C GLY D 84 -4.89 12.72 -21.44
N TYR D 85 -4.19 12.66 -20.32
CA TYR D 85 -2.89 12.01 -20.25
C TYR D 85 -3.00 10.75 -19.41
N LYS D 86 -2.16 9.77 -19.72
CA LYS D 86 -2.15 8.50 -18.98
C LYS D 86 -1.25 8.79 -17.80
N LEU D 87 -1.62 8.35 -16.60
CA LEU D 87 -0.82 8.60 -15.41
C LEU D 87 -0.60 7.35 -14.55
N THR D 88 0.66 7.11 -14.21
CA THR D 88 1.03 5.97 -13.36
C THR D 88 1.66 6.56 -12.13
N LEU D 89 1.14 6.16 -10.97
CA LEU D 89 1.66 6.64 -9.68
C LEU D 89 2.21 5.45 -8.90
N THR D 90 3.43 5.58 -8.40
CA THR D 90 4.02 4.49 -7.62
C THR D 90 3.91 4.86 -6.15
N MET D 91 3.68 3.86 -5.32
CA MET D 91 3.55 4.10 -3.89
C MET D 91 3.68 2.80 -3.11
N PRO D 92 4.12 2.89 -1.85
CA PRO D 92 4.29 1.75 -0.95
C PRO D 92 2.94 1.07 -0.85
N GLU D 93 2.92 -0.26 -0.83
CA GLU D 93 1.65 -0.99 -0.78
C GLU D 93 0.89 -0.76 0.53
N THR D 94 1.57 -0.14 1.48
CA THR D 94 1.00 0.17 2.78
C THR D 94 0.05 1.36 2.73
N MET D 95 0.00 2.07 1.60
CA MET D 95 -0.90 3.21 1.44
C MET D 95 -2.34 2.74 1.63
N SER D 96 -3.16 3.54 2.32
CA SER D 96 -4.56 3.18 2.59
C SER D 96 -5.39 2.83 1.35
N ILE D 97 -6.33 1.92 1.54
CA ILE D 97 -7.23 1.50 0.46
C ILE D 97 -8.11 2.68 0.07
N GLU D 98 -8.44 3.53 1.03
CA GLU D 98 -9.27 4.72 0.78
C GLU D 98 -8.53 5.66 -0.19
N ARG D 99 -7.26 5.92 0.10
CA ARG D 99 -6.46 6.80 -0.75
C ARG D 99 -6.32 6.24 -2.15
N ARG D 100 -6.10 4.94 -2.23
CA ARG D 100 -5.91 4.29 -3.51
C ARG D 100 -7.18 4.31 -4.35
N LYS D 101 -8.32 4.14 -3.70
CA LYS D 101 -9.60 4.18 -4.42
C LYS D 101 -9.77 5.55 -5.07
N LEU D 102 -9.51 6.62 -4.32
CA LEU D 102 -9.65 7.97 -4.86
C LEU D 102 -8.76 8.15 -6.10
N LEU D 103 -7.51 7.75 -6.01
CA LEU D 103 -6.60 7.89 -7.16
C LEU D 103 -7.07 7.06 -8.37
N LYS D 104 -7.58 5.86 -8.09
CA LYS D 104 -8.07 5.02 -9.14
C LYS D 104 -9.31 5.64 -9.78
N ALA D 105 -10.18 6.16 -8.94
CA ALA D 105 -11.41 6.81 -9.42
C ALA D 105 -11.01 7.90 -10.40
N LEU D 106 -9.93 8.60 -10.12
CA LEU D 106 -9.48 9.66 -11.03
C LEU D 106 -8.66 9.17 -12.22
N GLY D 107 -8.65 7.85 -12.42
CA GLY D 107 -7.96 7.27 -13.56
C GLY D 107 -6.48 6.99 -13.51
N ALA D 108 -5.88 7.03 -12.32
CA ALA D 108 -4.45 6.75 -12.26
C ALA D 108 -4.22 5.24 -12.20
N ASN D 109 -3.14 4.80 -12.85
CA ASN D 109 -2.74 3.39 -12.84
C ASN D 109 -1.76 3.32 -11.67
N LEU D 110 -2.11 2.52 -10.67
CA LEU D 110 -1.31 2.43 -9.47
C LEU D 110 -0.34 1.25 -9.45
N VAL D 111 0.91 1.56 -9.11
CA VAL D 111 1.98 0.58 -9.01
C VAL D 111 2.40 0.59 -7.53
N LEU D 112 2.05 -0.47 -6.83
CA LEU D 112 2.33 -0.59 -5.40
C LEU D 112 3.66 -1.30 -5.21
N THR D 113 4.53 -0.68 -4.42
CA THR D 113 5.85 -1.25 -4.18
C THR D 113 5.95 -1.87 -2.79
N GLU D 114 6.97 -2.69 -2.58
CA GLU D 114 7.11 -3.39 -1.31
C GLU D 114 7.15 -2.49 -0.09
N GLY D 115 6.29 -2.76 0.88
CA GLY D 115 6.24 -1.96 2.10
C GLY D 115 7.53 -1.79 2.86
N ALA D 116 8.28 -2.87 3.02
CA ALA D 116 9.57 -2.79 3.73
C ALA D 116 10.54 -1.80 3.03
N LYS D 117 10.37 -1.59 1.73
CA LYS D 117 11.26 -0.66 1.02
C LYS D 117 10.93 0.81 1.21
N GLY D 118 9.80 1.10 1.84
CA GLY D 118 9.39 2.47 2.11
C GLY D 118 9.18 3.36 0.89
N MET D 119 9.22 4.67 1.11
CA MET D 119 9.04 5.61 0.00
C MET D 119 10.20 5.54 -1.00
N LYS D 120 11.41 5.28 -0.50
CA LYS D 120 12.55 5.18 -1.40
C LYS D 120 12.25 4.12 -2.46
N GLY D 121 11.60 3.04 -2.05
CA GLY D 121 11.26 2.02 -3.02
C GLY D 121 10.28 2.52 -4.07
N ALA D 122 9.33 3.36 -3.66
CA ALA D 122 8.35 3.89 -4.63
C ALA D 122 9.07 4.79 -5.63
N ILE D 123 9.97 5.63 -5.11
CA ILE D 123 10.72 6.52 -5.97
C ILE D 123 11.58 5.73 -6.94
N GLN D 124 12.24 4.69 -6.43
CA GLN D 124 13.08 3.87 -7.27
C GLN D 124 12.25 3.24 -8.39
N LYS D 125 11.08 2.70 -8.06
CA LYS D 125 10.22 2.08 -9.07
C LYS D 125 9.84 3.08 -10.18
N ALA D 126 9.47 4.31 -9.78
CA ALA D 126 9.11 5.35 -10.73
C ALA D 126 10.30 5.60 -11.68
N GLU D 127 11.50 5.75 -11.13
CA GLU D 127 12.71 6.01 -11.92
C GLU D 127 12.99 4.86 -12.84
N GLU D 128 12.73 3.64 -12.36
CA GLU D 128 12.97 2.45 -13.16
C GLU D 128 12.02 2.40 -14.37
N ILE D 129 10.77 2.81 -14.15
CA ILE D 129 9.79 2.82 -15.23
C ILE D 129 10.19 3.81 -16.32
N VAL D 130 10.52 5.03 -15.93
CA VAL D 130 10.94 6.06 -16.90
C VAL D 130 12.17 5.55 -17.68
N ALA D 131 13.17 5.05 -16.96
CA ALA D 131 14.37 4.55 -17.61
C ALA D 131 14.07 3.42 -18.60
N SER D 132 13.01 2.65 -18.35
CA SER D 132 12.69 1.57 -19.28
C SER D 132 12.20 2.08 -20.63
N ASP D 133 11.82 3.35 -20.70
CA ASP D 133 11.35 3.90 -21.95
C ASP D 133 11.13 5.41 -21.82
N PRO D 134 12.23 6.16 -21.71
CA PRO D 134 12.30 7.61 -21.56
C PRO D 134 11.37 8.42 -22.46
N GLN D 135 11.22 7.99 -23.72
CA GLN D 135 10.38 8.68 -24.67
C GLN D 135 8.89 8.50 -24.37
N LYS D 136 8.56 7.38 -23.75
CA LYS D 136 7.18 7.11 -23.43
C LYS D 136 6.81 7.66 -22.07
N TYR D 137 7.80 7.82 -21.19
CA TYR D 137 7.50 8.28 -19.86
C TYR D 137 8.15 9.57 -19.43
N LEU D 138 7.36 10.35 -18.67
CA LEU D 138 7.80 11.62 -18.13
C LEU D 138 7.52 11.63 -16.62
N LEU D 139 8.53 12.01 -15.87
CA LEU D 139 8.46 12.10 -14.41
C LEU D 139 8.61 13.60 -14.05
N LEU D 140 7.61 14.18 -13.40
CA LEU D 140 7.68 15.62 -13.11
C LEU D 140 8.57 16.18 -11.98
N GLN D 141 8.74 15.46 -10.88
CA GLN D 141 9.64 15.93 -9.81
C GLN D 141 9.19 17.21 -9.10
N GLN D 142 8.11 17.13 -8.35
CA GLN D 142 7.59 18.29 -7.63
C GLN D 142 8.65 18.97 -6.77
N PHE D 143 9.61 18.23 -6.27
CA PHE D 143 10.63 18.83 -5.41
C PHE D 143 11.67 19.70 -6.08
N SER D 144 11.82 19.59 -7.39
CA SER D 144 12.83 20.38 -8.07
C SER D 144 12.37 21.06 -9.36
N ASN D 145 11.18 20.72 -9.84
CA ASN D 145 10.69 21.30 -11.08
C ASN D 145 10.28 22.74 -10.83
N PRO D 146 10.98 23.70 -11.48
CA PRO D 146 10.74 25.14 -11.33
C PRO D 146 9.30 25.56 -11.58
N ALA D 147 8.56 24.75 -12.33
CA ALA D 147 7.16 25.07 -12.63
C ALA D 147 6.35 25.06 -11.35
N ASN D 148 6.92 24.47 -10.30
CA ASN D 148 6.24 24.41 -8.99
C ASN D 148 6.24 25.83 -8.42
N PRO D 149 7.43 26.39 -8.04
CA PRO D 149 7.39 27.75 -7.50
C PRO D 149 6.86 28.77 -8.53
N GLU D 150 7.06 28.49 -9.81
CA GLU D 150 6.56 29.42 -10.83
C GLU D 150 5.05 29.68 -10.75
N ILE D 151 4.24 28.65 -10.56
CA ILE D 151 2.81 28.89 -10.51
C ILE D 151 2.45 29.75 -9.29
N HIS D 152 3.22 29.63 -8.21
CA HIS D 152 2.91 30.43 -7.01
C HIS D 152 3.34 31.87 -7.25
N GLU D 153 4.37 32.04 -8.08
CA GLU D 153 4.84 33.37 -8.40
C GLU D 153 3.83 34.07 -9.33
N LYS D 154 3.14 33.28 -10.15
CA LYS D 154 2.16 33.77 -11.11
C LYS D 154 0.69 33.83 -10.65
N THR D 155 0.35 33.11 -9.59
CA THR D 155 -1.03 33.12 -9.09
C THR D 155 -1.16 33.39 -7.59
N THR D 156 -0.66 32.48 -6.77
CA THR D 156 -0.76 32.62 -5.31
C THR D 156 -0.28 33.97 -4.83
N GLY D 157 0.95 34.32 -5.23
CA GLY D 157 1.54 35.58 -4.85
C GLY D 157 0.69 36.78 -5.26
N PRO D 158 0.38 36.92 -6.56
CA PRO D 158 -0.45 38.05 -7.04
C PRO D 158 -1.76 38.10 -6.25
N GLU D 159 -2.35 36.93 -5.98
CA GLU D 159 -3.61 36.91 -5.24
C GLU D 159 -3.45 37.53 -3.85
N ILE D 160 -2.37 37.16 -3.17
CA ILE D 160 -2.12 37.68 -1.84
C ILE D 160 -1.91 39.19 -1.90
N TRP D 161 -1.07 39.60 -2.85
CA TRP D 161 -0.76 41.01 -3.03
C TRP D 161 -2.01 41.84 -3.29
N GLU D 162 -2.81 41.42 -4.24
CA GLU D 162 -3.97 42.20 -4.54
C GLU D 162 -5.09 42.14 -3.50
N ASP D 163 -5.35 40.96 -2.95
CA ASP D 163 -6.42 40.81 -1.94
C ASP D 163 -6.12 41.66 -0.72
N THR D 164 -4.83 41.90 -0.44
CA THR D 164 -4.50 42.75 0.70
C THR D 164 -4.16 44.20 0.24
N ASP D 165 -4.35 44.50 -1.03
CA ASP D 165 -3.95 45.81 -1.57
C ASP D 165 -2.52 46.14 -1.13
N GLY D 166 -1.66 45.13 -1.16
CA GLY D 166 -0.28 45.32 -0.77
C GLY D 166 -0.03 45.45 0.72
N GLN D 167 -1.08 45.31 1.54
CA GLN D 167 -0.95 45.43 2.98
C GLN D 167 -0.53 44.13 3.68
N VAL D 168 0.31 43.34 3.03
CA VAL D 168 0.76 42.10 3.66
C VAL D 168 2.16 42.33 4.28
N ASP D 169 2.26 42.15 5.60
CA ASP D 169 3.51 42.39 6.29
C ASP D 169 4.34 41.14 6.59
N VAL D 170 3.66 40.02 6.79
CA VAL D 170 4.33 38.77 7.12
C VAL D 170 3.65 37.69 6.29
N PHE D 171 4.45 36.75 5.78
CA PHE D 171 3.88 35.66 4.98
C PHE D 171 4.39 34.35 5.57
N ILE D 172 3.46 33.49 5.97
CA ILE D 172 3.79 32.23 6.62
C ILE D 172 3.43 31.02 5.79
N SER D 173 4.41 30.17 5.55
CA SER D 173 4.18 28.97 4.74
C SER D 173 4.82 27.72 5.32
N GLY D 174 4.01 26.70 5.61
CA GLY D 174 4.56 25.43 6.08
C GLY D 174 5.29 24.87 4.84
N VAL D 175 6.53 24.42 5.02
CA VAL D 175 7.29 23.94 3.87
C VAL D 175 7.26 22.44 3.64
N GLY D 176 6.89 22.07 2.41
CA GLY D 176 6.89 20.69 1.96
C GLY D 176 7.91 20.69 0.82
N THR D 177 7.49 21.10 -0.38
CA THR D 177 8.41 21.22 -1.52
C THR D 177 9.08 22.60 -1.49
N GLY D 178 8.46 23.54 -0.77
CA GLY D 178 9.02 24.87 -0.67
C GLY D 178 8.57 25.81 -1.77
N GLY D 179 7.87 25.27 -2.75
CA GLY D 179 7.42 26.08 -3.88
C GLY D 179 6.48 27.24 -3.55
N THR D 180 5.60 27.05 -2.57
CA THR D 180 4.68 28.12 -2.20
C THR D 180 5.49 29.25 -1.59
N LEU D 181 6.34 28.89 -0.64
CA LEU D 181 7.14 29.91 0.04
C LEU D 181 8.02 30.67 -0.97
N THR D 182 8.72 29.90 -1.80
CA THR D 182 9.62 30.49 -2.77
C THR D 182 8.91 31.40 -3.81
N GLY D 183 7.87 30.88 -4.44
CA GLY D 183 7.16 31.65 -5.47
C GLY D 183 6.42 32.88 -4.96
N VAL D 184 5.75 32.74 -3.83
CA VAL D 184 5.05 33.88 -3.29
C VAL D 184 6.07 34.95 -2.90
N THR D 185 7.17 34.56 -2.27
CA THR D 185 8.14 35.53 -1.83
C THR D 185 8.81 36.24 -3.02
N ARG D 186 9.14 35.48 -4.06
CA ARG D 186 9.74 36.08 -5.25
C ARG D 186 8.81 37.14 -5.84
N TYR D 187 7.50 36.86 -5.82
CA TYR D 187 6.56 37.82 -6.35
C TYR D 187 6.46 39.08 -5.48
N ILE D 188 6.26 38.88 -4.18
CA ILE D 188 6.10 40.04 -3.30
C ILE D 188 7.40 40.81 -3.01
N LYS D 189 8.45 40.12 -2.61
CA LYS D 189 9.70 40.82 -2.33
C LYS D 189 10.38 41.26 -3.61
N GLY D 190 10.40 40.38 -4.60
CA GLY D 190 11.04 40.68 -5.86
C GLY D 190 10.23 41.56 -6.79
N THR D 191 9.29 40.95 -7.50
CA THR D 191 8.47 41.67 -8.46
C THR D 191 7.82 42.94 -7.92
N LYS D 192 7.30 42.88 -6.69
CA LYS D 192 6.63 44.04 -6.15
C LYS D 192 7.53 44.90 -5.28
N GLY D 193 8.78 44.46 -5.12
CA GLY D 193 9.75 45.22 -4.34
C GLY D 193 9.48 45.43 -2.86
N LYS D 194 8.59 44.65 -2.27
CA LYS D 194 8.33 44.82 -0.85
C LYS D 194 9.35 44.02 -0.06
N THR D 195 10.57 44.56 -0.02
CA THR D 195 11.67 43.91 0.66
C THR D 195 11.50 43.80 2.17
N ASP D 196 10.60 44.59 2.76
CA ASP D 196 10.42 44.43 4.19
C ASP D 196 9.41 43.37 4.58
N LEU D 197 8.96 42.59 3.60
CA LEU D 197 8.03 41.49 3.87
C LEU D 197 8.82 40.51 4.72
N ILE D 198 8.20 39.95 5.76
CA ILE D 198 8.89 38.95 6.58
C ILE D 198 8.37 37.58 6.16
N THR D 199 9.24 36.77 5.58
CA THR D 199 8.85 35.44 5.11
C THR D 199 9.21 34.43 6.18
N VAL D 200 8.21 33.68 6.62
CA VAL D 200 8.37 32.67 7.68
C VAL D 200 8.12 31.26 7.18
N ALA D 201 9.14 30.41 7.35
CA ALA D 201 9.02 29.01 6.96
C ALA D 201 8.58 28.23 8.23
N VAL D 202 7.64 27.31 8.06
CA VAL D 202 7.17 26.52 9.20
C VAL D 202 7.57 25.05 9.00
N GLU D 203 8.02 24.39 10.07
CA GLU D 203 8.44 22.99 9.98
C GLU D 203 8.17 22.28 11.30
N PRO D 204 8.20 20.93 11.30
CA PRO D 204 7.96 20.17 12.54
C PRO D 204 9.17 20.32 13.48
N THR D 205 8.90 20.48 14.76
CA THR D 205 9.96 20.60 15.76
C THR D 205 10.78 19.30 15.72
N ASP D 206 10.13 18.20 15.40
CA ASP D 206 10.83 16.91 15.37
C ASP D 206 11.63 16.60 14.11
N SER D 207 11.64 17.49 13.14
CA SER D 207 12.42 17.28 11.92
C SER D 207 12.72 18.67 11.36
N PRO D 208 13.43 19.49 12.14
CA PRO D 208 13.80 20.88 11.83
C PRO D 208 14.99 21.08 10.89
N VAL D 209 14.93 20.46 9.71
CA VAL D 209 16.03 20.57 8.77
C VAL D 209 16.28 21.96 8.19
N ILE D 210 15.25 22.80 8.13
CA ILE D 210 15.47 24.15 7.59
C ILE D 210 16.25 24.96 8.62
N ALA D 211 15.86 24.85 9.89
CA ALA D 211 16.54 25.58 10.96
C ALA D 211 17.97 25.04 11.04
N GLN D 212 18.12 23.72 10.85
CA GLN D 212 19.45 23.11 10.88
C GLN D 212 20.26 23.68 9.73
N ALA D 213 19.70 23.60 8.53
CA ALA D 213 20.38 24.11 7.35
C ALA D 213 20.81 25.56 7.52
N LEU D 214 19.88 26.42 7.93
CA LEU D 214 20.19 27.83 8.11
C LEU D 214 21.23 28.09 9.19
N ALA D 215 21.33 27.19 10.16
CA ALA D 215 22.29 27.35 11.25
C ALA D 215 23.63 26.73 10.91
N GLY D 216 23.74 26.15 9.72
CA GLY D 216 24.99 25.54 9.32
C GLY D 216 25.27 24.23 10.03
N GLU D 217 24.23 23.65 10.63
CA GLU D 217 24.36 22.39 11.34
C GLU D 217 24.08 21.26 10.38
N GLU D 218 24.37 20.04 10.80
CA GLU D 218 24.15 18.87 9.97
C GLU D 218 22.63 18.58 9.88
N ILE D 219 22.20 18.10 8.72
CA ILE D 219 20.79 17.80 8.49
C ILE D 219 20.40 16.48 9.14
N LYS D 220 19.53 16.54 10.14
CA LYS D 220 19.09 15.35 10.85
C LYS D 220 17.57 15.32 11.03
N PRO D 221 16.88 14.73 10.05
CA PRO D 221 15.41 14.65 10.10
C PRO D 221 14.91 13.68 11.16
N GLY D 222 13.61 13.72 11.40
CA GLY D 222 13.00 12.82 12.36
C GLY D 222 11.53 12.61 11.99
N PRO D 223 10.86 11.60 12.55
CA PRO D 223 9.45 11.33 12.24
C PRO D 223 8.55 12.35 12.92
N HIS D 224 7.47 12.73 12.24
CA HIS D 224 6.52 13.70 12.79
C HIS D 224 5.13 13.42 12.20
N LYS D 225 4.13 14.11 12.73
CA LYS D 225 2.75 13.93 12.32
C LYS D 225 2.15 15.03 11.42
N ILE D 226 2.93 16.03 11.09
CA ILE D 226 2.37 17.13 10.26
C ILE D 226 2.41 16.85 8.77
N GLN D 227 1.48 16.00 8.33
CA GLN D 227 1.36 15.60 6.94
C GLN D 227 1.42 16.76 5.94
N GLY D 228 2.23 16.62 4.91
CA GLY D 228 2.34 17.68 3.92
C GLY D 228 3.60 18.51 4.03
N ILE D 229 4.17 18.65 5.23
CA ILE D 229 5.40 19.43 5.39
C ILE D 229 6.49 18.56 6.03
N GLY D 230 7.71 19.10 6.10
CA GLY D 230 8.79 18.38 6.73
C GLY D 230 9.22 17.12 6.00
N ALA D 231 9.76 17.31 4.80
CA ALA D 231 10.21 16.17 4.01
C ALA D 231 11.56 15.58 4.52
N GLY D 232 12.20 16.25 5.46
CA GLY D 232 13.45 15.71 5.99
C GLY D 232 14.72 16.15 5.26
N PHE D 233 14.58 17.01 4.26
CA PHE D 233 15.73 17.53 3.51
C PHE D 233 15.35 18.88 2.93
N ILE D 234 16.31 19.55 2.29
CA ILE D 234 16.07 20.85 1.70
C ILE D 234 15.76 20.64 0.23
N PRO D 235 14.50 20.88 -0.18
CA PRO D 235 14.09 20.71 -1.58
C PRO D 235 14.71 21.75 -2.51
N GLY D 236 14.91 21.37 -3.77
CA GLY D 236 15.48 22.30 -4.72
C GLY D 236 14.58 23.52 -4.90
N ASN D 237 13.28 23.31 -4.68
CA ASN D 237 12.31 24.38 -4.84
C ASN D 237 12.16 25.30 -3.63
N LEU D 238 13.00 25.11 -2.61
CA LEU D 238 13.00 25.97 -1.42
C LEU D 238 14.24 26.84 -1.52
N ASP D 239 14.07 28.15 -1.67
CA ASP D 239 15.23 29.04 -1.72
C ASP D 239 15.47 29.56 -0.31
N LEU D 240 16.42 28.94 0.38
CA LEU D 240 16.74 29.31 1.76
C LEU D 240 17.04 30.79 1.95
N LYS D 241 17.54 31.45 0.90
CA LYS D 241 17.87 32.88 0.97
C LYS D 241 16.67 33.78 1.19
N LEU D 242 15.48 33.28 0.84
CA LEU D 242 14.25 34.08 0.95
C LEU D 242 13.60 34.01 2.35
N ILE D 243 14.13 33.13 3.20
CA ILE D 243 13.57 32.90 4.53
C ILE D 243 14.07 33.86 5.61
N ASP D 244 13.17 34.57 6.25
CA ASP D 244 13.59 35.49 7.28
C ASP D 244 13.52 34.88 8.64
N LYS D 245 12.64 33.91 8.81
CA LYS D 245 12.46 33.27 10.11
C LYS D 245 11.90 31.88 9.93
N VAL D 246 12.30 30.97 10.81
CA VAL D 246 11.80 29.59 10.76
C VAL D 246 11.14 29.29 12.08
N VAL D 247 9.92 28.79 12.05
CA VAL D 247 9.20 28.48 13.27
C VAL D 247 8.94 26.97 13.31
N GLY D 248 9.38 26.34 14.40
CA GLY D 248 9.17 24.92 14.58
C GLY D 248 7.89 24.72 15.37
N ILE D 249 7.04 23.80 14.93
CA ILE D 249 5.77 23.54 15.56
C ILE D 249 5.67 22.07 15.98
N THR D 250 5.07 21.78 17.14
CA THR D 250 4.95 20.40 17.62
C THR D 250 3.71 19.74 17.02
N ASN D 251 3.67 18.42 17.04
CA ASN D 251 2.50 17.73 16.48
C ASN D 251 1.26 18.18 17.23
N GLU D 252 1.39 18.34 18.53
CA GLU D 252 0.26 18.73 19.36
C GLU D 252 -0.25 20.14 19.07
N GLU D 253 0.66 21.08 18.85
CA GLU D 253 0.25 22.46 18.58
C GLU D 253 -0.48 22.53 17.24
N ALA D 254 0.02 21.79 16.27
CA ALA D 254 -0.58 21.73 14.93
C ALA D 254 -2.02 21.20 15.00
N ILE D 255 -2.17 20.03 15.61
CA ILE D 255 -3.49 19.41 15.74
C ILE D 255 -4.46 20.29 16.54
N SER D 256 -4.01 20.79 17.68
CA SER D 256 -4.93 21.59 18.48
C SER D 256 -5.33 22.87 17.75
N THR D 257 -4.40 23.46 17.01
CA THR D 257 -4.75 24.67 16.29
C THR D 257 -5.69 24.37 15.11
N ALA D 258 -5.50 23.24 14.45
CA ALA D 258 -6.39 22.86 13.35
C ALA D 258 -7.82 22.72 13.92
N ARG D 259 -7.93 22.15 15.12
CA ARG D 259 -9.25 21.99 15.73
C ARG D 259 -9.85 23.36 16.06
N ARG D 260 -9.02 24.29 16.52
CA ARG D 260 -9.52 25.64 16.81
C ARG D 260 -10.06 26.28 15.53
N LEU D 261 -9.36 26.08 14.41
CA LEU D 261 -9.81 26.66 13.16
C LEU D 261 -11.23 26.19 12.87
N MET D 262 -11.47 24.91 13.10
CA MET D 262 -12.80 24.40 12.83
C MET D 262 -13.85 24.93 13.79
N GLU D 263 -13.56 24.82 15.10
CA GLU D 263 -14.49 25.21 16.14
C GLU D 263 -14.70 26.71 16.35
N GLU D 264 -13.64 27.48 16.21
CA GLU D 264 -13.73 28.91 16.42
C GLU D 264 -13.95 29.75 15.17
N GLU D 265 -13.59 29.21 14.01
CA GLU D 265 -13.74 29.97 12.76
C GLU D 265 -14.56 29.29 11.67
N GLY D 266 -14.95 28.04 11.88
CA GLY D 266 -15.72 27.36 10.84
C GLY D 266 -14.89 27.13 9.58
N ILE D 267 -13.58 26.92 9.74
CA ILE D 267 -12.70 26.63 8.62
C ILE D 267 -12.19 25.20 8.79
N LEU D 268 -12.52 24.34 7.84
CA LEU D 268 -12.11 22.93 7.87
C LEU D 268 -10.64 22.86 7.48
N ALA D 269 -9.78 22.61 8.45
CA ALA D 269 -8.36 22.63 8.11
C ALA D 269 -7.55 21.38 8.40
N GLY D 270 -6.57 21.11 7.55
CA GLY D 270 -5.72 19.96 7.77
C GLY D 270 -4.68 20.30 8.84
N ILE D 271 -3.95 19.28 9.26
CA ILE D 271 -2.93 19.45 10.29
C ILE D 271 -1.85 20.46 9.93
N SER D 272 -1.40 20.49 8.67
CA SER D 272 -0.38 21.48 8.31
C SER D 272 -0.93 22.92 8.37
N SER D 273 -2.24 23.07 8.17
CA SER D 273 -2.89 24.37 8.23
C SER D 273 -2.87 24.80 9.69
N GLY D 274 -3.13 23.84 10.59
CA GLY D 274 -3.09 24.12 12.02
C GLY D 274 -1.65 24.54 12.37
N ALA D 275 -0.65 23.85 11.81
CA ALA D 275 0.75 24.21 12.10
C ALA D 275 1.10 25.63 11.65
N ALA D 276 0.68 25.99 10.44
CA ALA D 276 0.98 27.32 9.94
C ALA D 276 0.32 28.40 10.80
N VAL D 277 -0.92 28.17 11.22
CA VAL D 277 -1.60 29.17 12.04
C VAL D 277 -0.97 29.21 13.43
N ALA D 278 -0.48 28.07 13.90
CA ALA D 278 0.16 28.03 15.22
C ALA D 278 1.40 28.90 15.18
N ALA D 279 2.08 28.93 14.03
CA ALA D 279 3.27 29.74 13.87
C ALA D 279 2.91 31.22 13.94
N ALA D 280 1.79 31.60 13.34
CA ALA D 280 1.29 32.97 13.41
C ALA D 280 1.05 33.36 14.88
N LEU D 281 0.43 32.46 15.64
CA LEU D 281 0.16 32.74 17.04
C LEU D 281 1.47 32.94 17.80
N LYS D 282 2.46 32.09 17.54
CA LYS D 282 3.74 32.23 18.20
C LYS D 282 4.36 33.59 17.90
N LEU D 283 4.38 33.98 16.63
CA LEU D 283 4.93 35.29 16.29
C LEU D 283 4.18 36.43 17.01
N GLN D 284 2.87 36.31 17.13
CA GLN D 284 2.11 37.38 17.80
C GLN D 284 2.38 37.52 19.29
N GLU D 285 3.20 36.62 19.84
CA GLU D 285 3.60 36.71 21.24
C GLU D 285 4.77 37.70 21.34
N ASP D 286 5.36 38.02 20.18
CA ASP D 286 6.47 38.96 20.06
C ASP D 286 5.90 40.33 19.68
N GLU D 287 6.09 41.32 20.55
CA GLU D 287 5.58 42.69 20.31
C GLU D 287 5.91 43.30 18.96
N SER D 288 7.00 42.91 18.32
CA SER D 288 7.32 43.47 17.02
C SER D 288 6.32 43.03 15.94
N PHE D 289 5.56 41.97 16.23
CA PHE D 289 4.60 41.47 15.24
C PHE D 289 3.17 41.91 15.50
N THR D 290 2.94 42.51 16.66
CA THR D 290 1.60 42.90 17.08
C THR D 290 0.65 43.63 16.14
N ASN D 291 1.15 44.51 15.29
CA ASN D 291 0.26 45.24 14.41
C ASN D 291 0.51 44.96 12.93
N LYS D 292 1.14 43.83 12.66
CA LYS D 292 1.43 43.41 11.29
C LYS D 292 0.33 42.52 10.74
N ASN D 293 0.02 42.66 9.45
CA ASN D 293 -0.98 41.78 8.84
C ASN D 293 -0.21 40.53 8.41
N ILE D 294 -0.62 39.38 8.96
CA ILE D 294 0.00 38.12 8.66
C ILE D 294 -0.82 37.27 7.73
N VAL D 295 -0.28 36.96 6.55
CA VAL D 295 -1.01 36.10 5.61
C VAL D 295 -0.48 34.68 5.82
N VAL D 296 -1.36 33.71 6.04
CA VAL D 296 -0.95 32.33 6.30
C VAL D 296 -1.60 31.39 5.32
N ILE D 297 -0.82 30.51 4.70
CA ILE D 297 -1.40 29.55 3.77
C ILE D 297 -2.00 28.37 4.57
N LEU D 298 -3.24 27.98 4.25
CA LEU D 298 -3.87 26.78 4.86
C LEU D 298 -3.88 25.85 3.64
N PRO D 299 -2.87 24.98 3.54
CA PRO D 299 -2.74 24.07 2.40
C PRO D 299 -3.86 23.13 1.99
N SER D 300 -4.61 22.66 2.98
CA SER D 300 -5.64 21.66 2.77
C SER D 300 -6.70 21.68 3.83
N SER D 301 -7.72 20.87 3.61
CA SER D 301 -8.86 20.67 4.51
C SER D 301 -8.58 19.41 5.36
N GLY D 302 -9.43 19.16 6.32
CA GLY D 302 -9.24 18.01 7.19
C GLY D 302 -9.33 16.63 6.57
S SO4 E . 30.89 -28.62 1.01
O1 SO4 E . 31.94 -29.64 1.14
O2 SO4 E . 29.82 -29.14 0.16
O3 SO4 E . 31.51 -27.43 0.42
O4 SO4 E . 30.33 -28.35 2.36
CL CL F . 13.61 -18.54 8.78
N1 PLP G . 27.37 -22.66 7.04
C2 PLP G . 26.82 -23.57 6.22
C2A PLP G . 25.66 -24.43 6.71
C3 PLP G . 27.29 -23.71 4.92
O3 PLP G . 26.69 -24.61 4.06
C4 PLP G . 28.33 -22.91 4.48
C4A PLP G . 28.86 -23.05 3.04
C5 PLP G . 28.87 -21.97 5.35
C6 PLP G . 28.38 -21.85 6.61
C5A PLP G . 30.10 -21.16 5.00
O4P PLP G . 29.94 -20.35 3.85
P PLP G . 31.22 -19.99 2.96
O1P PLP G . 32.36 -19.70 3.86
O2P PLP G . 31.55 -21.34 2.21
O3P PLP G . 30.81 -18.99 1.95
S SO4 H . -29.22 17.55 5.45
O1 SO4 H . -28.91 18.07 4.10
O2 SO4 H . -30.56 18.01 5.89
O3 SO4 H . -28.22 18.07 6.42
O4 SO4 H . -29.17 16.09 5.40
CL CL I . -12.94 26.12 4.76
N1 PLP J . -27.41 17.11 -4.39
C2 PLP J . -26.86 17.24 -3.15
C2A PLP J . -25.70 16.31 -2.75
C3 PLP J . -27.36 18.15 -2.26
O3 PLP J . -26.77 18.30 -1.05
C4 PLP J . -28.46 18.92 -2.60
C4A PLP J . -29.12 19.81 -1.55
C5 PLP J . -29.03 18.78 -3.86
C6 PLP J . -28.49 17.89 -4.74
C5A PLP J . -30.31 19.52 -4.26
O4P PLP J . -30.20 20.97 -4.25
P PLP J . -31.52 21.81 -3.93
O1P PLP J . -32.64 21.22 -4.71
O2P PLP J . -31.76 21.47 -2.37
O3P PLP J . -31.26 23.27 -4.05
S SO4 K . -2.50 -27.44 9.26
O1 SO4 K . -2.60 -26.80 7.94
O2 SO4 K . -3.78 -27.30 9.97
O3 SO4 K . -1.45 -26.82 10.09
O4 SO4 K . -2.18 -28.87 9.08
CL CL L . 13.02 -25.38 -5.09
N1 PLP M . -0.72 -27.75 -0.37
C2 PLP M . -0.15 -27.63 0.86
C2A PLP M . 1.05 -28.49 1.20
C3 PLP M . -0.69 -26.76 1.79
O3 PLP M . -0.13 -26.67 3.05
C4 PLP M . -1.81 -26.03 1.47
C4A PLP M . -2.47 -25.12 2.53
C5 PLP M . -2.38 -26.17 0.20
C6 PLP M . -1.82 -27.02 -0.68
C5A PLP M . -3.67 -25.48 -0.20
O4P PLP M . -3.63 -24.05 -0.05
P PLP M . -5.01 -23.34 0.35
O1P PLP M . -5.26 -23.58 1.80
O2P PLP M . -4.71 -21.79 0.17
O3P PLP M . -6.03 -23.75 -0.64
S SO4 N . 2.56 13.82 -2.27
O1 SO4 N . 2.17 15.22 -1.92
O2 SO4 N . 1.65 13.36 -3.32
O3 SO4 N . 2.44 12.95 -1.06
O4 SO4 N . 3.93 13.79 -2.75
CL CL O . -13.70 19.19 -9.04
N1 PLP P . 0.60 21.01 3.54
C2 PLP P . 0.02 20.14 2.69
C2A PLP P . -1.16 19.30 3.16
C3 PLP P . 0.50 20.03 1.42
O3 PLP P . -0.11 19.19 0.52
C4 PLP P . 1.59 20.78 1.01
C4A PLP P . 2.17 20.58 -0.39
C5 PLP P . 2.17 21.67 1.89
C6 PLP P . 1.66 21.77 3.14
C5A PLP P . 3.48 22.41 1.56
O4P PLP P . 3.41 23.22 0.38
P PLP P . 4.74 23.48 -0.48
O1P PLP P . 5.85 23.80 0.47
O2P PLP P . 5.04 22.08 -1.12
O3P PLP P . 4.42 24.43 -1.57
#